data_5TPZ
#
_entry.id   5TPZ
#
_cell.length_a   75.782
_cell.length_b   75.782
_cell.length_c   548.556
_cell.angle_alpha   90.000
_cell.angle_beta   90.000
_cell.angle_gamma   120.000
#
_symmetry.space_group_name_H-M   'P 61 2 2'
#
loop_
_entity.id
_entity.type
_entity.pdbx_description
1 polymer 'NMDA glutamate receptor subunit'
2 polymer 'Glutamate receptor ionotropic, NMDA 2B'
3 non-polymer 2-acetamido-2-deoxy-beta-D-glucopyranose
4 water water
#
loop_
_entity_poly.entity_id
_entity_poly.type
_entity_poly.pdbx_seq_one_letter_code
_entity_poly.pdbx_strand_id
1 'polypeptide(L)'
;DPKIVNIGAVLSTKKHEQIFREAVNQANKRHFTRKIQLQATSVTHRPNAIQMALSVCEDLISSQVYAILVSHPPAPTDHL
TPTPISYTAGFYRIPVIGLTTRMSIYSDKSIHLSFLRTVPPYSHQALVWFEMMRLFNWNHVILIVSDDHEGRAAQKKLET
LLEGKESKSKKRNYENLDQLSYDNKRGPKADKVLQFEPGTKNLTALLLEAKELEARVIILSASEDDATAVYKSAAMLDMT
GAGYVWLVGEREISGSALRYAPDGIIGLQLINGKNESAHISDAVAVVAQAIHELFEMENITDPPRGCVGNTNIWKTGPLF
KRVLMSSKYPDGVTGRIEFNEDGDRKFAQYSIMNLQNRKLVQVGIFNGSYIIQNDRKIIWPGG
;
A
2 'polypeptide(L)'
;PPSIGIAVILVGTSDEVAIKDAHEKDDFHHLSVVPRVELVAMNETDPKSIITRICDLMSDRKIQGVVFADDTDQEAIAQI
LDFISAQTLTPILGIHGGSSMIMADKDESSMFFQFGPSIEQQASVMLNIMEEYDWYIFSIVTTYFPGYQDFVNKIRSTIE
NSFVGWELEEVLLLDMSLDDGDSKIQNQLKKLQSPIILLYCTKEEATYIFEVANSVGLTGYGYTWIVPSLVAGDTDTVPS
EFPTGLISVSYDEWDYGLPARVRDGIAIITTAASDMLSEHSFIPEPKSSCYNTHEKRIYQSNMLNRYLINVTFEGRDLSF
SEDGYQMHPKLVIILLNKERKWERVGKWKDKSLQMKYYVWPR
;
D
#
# COMPACT_ATOMS: atom_id res chain seq x y z
N ASP A 1 25.13 -8.43 -34.10
CA ASP A 1 24.78 -7.36 -33.16
C ASP A 1 23.56 -7.76 -32.30
N PRO A 2 23.61 -7.39 -30.99
CA PRO A 2 22.75 -8.03 -29.98
C PRO A 2 21.57 -7.21 -29.50
N LYS A 3 20.69 -7.81 -28.68
CA LYS A 3 19.57 -7.11 -28.06
C LYS A 3 20.05 -6.24 -26.92
N ILE A 4 19.61 -4.98 -26.90
CA ILE A 4 20.04 -4.04 -25.87
C ILE A 4 18.90 -3.86 -24.88
N VAL A 5 19.11 -4.33 -23.66
CA VAL A 5 18.12 -4.21 -22.60
C VAL A 5 18.63 -3.16 -21.63
N ASN A 6 17.71 -2.36 -21.08
CA ASN A 6 18.08 -1.28 -20.19
C ASN A 6 17.87 -1.70 -18.74
N ILE A 7 18.67 -1.11 -17.86
CA ILE A 7 18.38 -1.09 -16.43
C ILE A 7 18.31 0.37 -16.01
N GLY A 8 17.22 0.74 -15.34
CA GLY A 8 17.13 2.06 -14.74
C GLY A 8 17.69 2.10 -13.31
N ALA A 9 17.83 3.33 -12.81
CA ALA A 9 18.23 3.56 -11.44
C ALA A 9 17.94 5.02 -11.08
N VAL A 10 17.40 5.23 -9.88
CA VAL A 10 17.26 6.57 -9.31
C VAL A 10 18.31 6.69 -8.22
N LEU A 11 19.32 7.55 -8.44
CA LEU A 11 20.54 7.53 -7.63
C LEU A 11 20.82 8.85 -6.92
N SER A 12 21.44 8.73 -5.75
CA SER A 12 21.49 9.86 -4.84
C SER A 12 22.43 10.97 -5.33
N THR A 13 23.54 10.61 -5.97
CA THR A 13 24.45 11.61 -6.51
C THR A 13 24.77 11.29 -7.97
N LYS A 14 25.26 12.31 -8.68
CA LYS A 14 25.75 12.07 -10.03
C LYS A 14 26.94 11.10 -10.05
N LYS A 15 27.72 11.06 -8.96
CA LYS A 15 28.81 10.10 -8.91
C LYS A 15 28.29 8.68 -8.89
N HIS A 16 27.28 8.40 -8.05
CA HIS A 16 26.71 7.05 -8.01
C HIS A 16 26.19 6.61 -9.36
N GLU A 17 25.55 7.54 -10.10
CA GLU A 17 25.18 7.27 -11.49
C GLU A 17 26.33 6.68 -12.29
N GLN A 18 27.57 7.10 -12.00
CA GLN A 18 28.72 6.53 -12.69
C GLN A 18 29.06 5.14 -12.14
N ILE A 19 29.07 4.97 -10.81
CA ILE A 19 29.29 3.64 -10.26
C ILE A 19 28.28 2.65 -10.83
N PHE A 20 27.05 3.12 -11.12
CA PHE A 20 26.05 2.26 -11.74
C PHE A 20 26.30 2.07 -13.23
N ARG A 21 26.66 3.15 -13.95
CA ARG A 21 27.03 2.98 -15.34
C ARG A 21 28.16 1.97 -15.48
N GLU A 22 29.10 1.99 -14.54
CA GLU A 22 30.22 1.07 -14.64
C GLU A 22 29.81 -0.34 -14.25
N ALA A 23 29.06 -0.48 -13.16
CA ALA A 23 28.60 -1.80 -12.71
C ALA A 23 27.94 -2.57 -13.84
N VAL A 24 27.00 -1.92 -14.54
CA VAL A 24 26.35 -2.56 -15.69
C VAL A 24 27.39 -3.09 -16.66
N ASN A 25 28.53 -2.40 -16.74
CA ASN A 25 29.58 -2.71 -17.72
C ASN A 25 30.42 -3.90 -17.30
N GLN A 26 30.93 -3.91 -16.06
CA GLN A 26 31.64 -5.09 -15.60
C GLN A 26 30.78 -6.33 -15.78
N ALA A 27 29.45 -6.19 -15.67
CA ALA A 27 28.54 -7.29 -15.99
C ALA A 27 28.50 -7.55 -17.49
N ASN A 28 28.56 -6.48 -18.30
CA ASN A 28 28.63 -6.66 -19.75
C ASN A 28 30.01 -7.10 -20.21
N LYS A 29 30.96 -7.23 -19.31
CA LYS A 29 32.19 -7.96 -19.59
C LYS A 29 32.13 -9.39 -19.09
N ARG A 30 31.68 -9.59 -17.83
CA ARG A 30 31.64 -10.93 -17.25
C ARG A 30 30.75 -11.84 -18.06
N HIS A 31 29.71 -11.26 -18.65
CA HIS A 31 28.99 -11.80 -19.79
C HIS A 31 29.58 -11.08 -21.01
N PHE A 32 29.88 -11.69 -22.15
CA PHE A 32 29.30 -12.83 -22.91
C PHE A 32 27.97 -12.31 -23.49
N THR A 33 28.00 -11.05 -23.93
CA THR A 33 26.78 -10.33 -24.30
C THR A 33 26.60 -10.34 -25.82
N ARG A 34 26.07 -11.45 -26.33
CA ARG A 34 25.85 -11.60 -27.76
C ARG A 34 24.39 -11.61 -28.18
N LYS A 35 23.47 -12.24 -27.42
CA LYS A 35 22.04 -12.12 -27.69
C LYS A 35 21.47 -10.86 -27.04
N ILE A 36 21.48 -10.81 -25.72
CA ILE A 36 21.12 -9.62 -24.98
C ILE A 36 22.41 -8.94 -24.53
N GLN A 37 22.33 -7.64 -24.28
CA GLN A 37 23.44 -6.90 -23.69
C GLN A 37 22.87 -5.71 -22.92
N LEU A 38 23.25 -5.57 -21.65
CA LEU A 38 22.59 -4.60 -20.78
C LEU A 38 23.00 -3.18 -21.15
N GLN A 39 22.20 -2.20 -20.73
CA GLN A 39 22.49 -0.77 -20.91
C GLN A 39 21.90 0.02 -19.75
N ALA A 40 22.68 0.97 -19.21
CA ALA A 40 22.35 1.60 -17.93
C ALA A 40 21.83 3.02 -18.12
N THR A 41 20.51 3.20 -17.94
CA THR A 41 19.90 4.53 -17.86
C THR A 41 19.55 4.86 -16.42
N SER A 42 19.83 6.09 -15.99
CA SER A 42 19.67 6.44 -14.59
C SER A 42 19.29 7.91 -14.45
N VAL A 43 18.61 8.22 -13.34
CA VAL A 43 18.34 9.60 -12.97
C VAL A 43 18.87 9.85 -11.57
N THR A 44 18.91 11.14 -11.22
CA THR A 44 18.99 11.56 -9.84
C THR A 44 17.59 11.77 -9.29
N HIS A 45 17.47 11.61 -7.98
CA HIS A 45 16.22 11.86 -7.29
C HIS A 45 15.69 13.25 -7.60
N ARG A 46 14.55 13.32 -8.10
CA ARG A 46 13.98 14.65 -8.00
C ARG A 46 13.28 14.83 -6.65
N PRO A 47 13.42 15.99 -6.01
CA PRO A 47 12.96 16.12 -4.62
C PRO A 47 11.44 16.08 -4.49
N ASN A 48 10.73 16.42 -5.55
CA ASN A 48 9.29 16.47 -5.54
C ASN A 48 8.74 15.13 -6.00
N ALA A 49 7.72 14.64 -5.28
CA ALA A 49 7.21 13.29 -5.54
C ALA A 49 6.55 13.19 -6.89
N ILE A 50 5.96 14.29 -7.37
CA ILE A 50 5.39 14.27 -8.70
C ILE A 50 6.48 14.40 -9.77
N GLN A 51 7.34 15.42 -9.64
CA GLN A 51 8.49 15.53 -10.50
C GLN A 51 9.23 14.20 -10.58
N MET A 52 9.46 13.58 -9.43
CA MET A 52 10.08 12.27 -9.41
C MET A 52 9.29 11.27 -10.27
N ALA A 53 7.97 11.18 -10.07
CA ALA A 53 7.21 10.11 -10.72
C ALA A 53 7.04 10.34 -12.21
N LEU A 54 6.94 11.60 -12.64
CA LEU A 54 7.02 11.89 -14.07
C LEU A 54 8.33 11.39 -14.66
N SER A 55 9.45 11.70 -13.99
CA SER A 55 10.76 11.25 -14.45
C SER A 55 10.81 9.75 -14.65
N VAL A 56 10.29 8.98 -13.70
CA VAL A 56 10.28 7.53 -13.89
C VAL A 56 9.67 7.23 -15.25
N CYS A 57 8.59 7.91 -15.60
CA CYS A 57 7.92 7.74 -16.88
C CYS A 57 8.83 8.19 -18.01
N GLU A 58 9.12 9.48 -18.05
CA GLU A 58 9.77 10.08 -19.21
C GLU A 58 11.22 9.65 -19.34
N ASP A 59 11.97 9.65 -18.22
CA ASP A 59 13.40 9.37 -18.27
C ASP A 59 13.69 7.86 -18.30
N LEU A 60 12.82 7.04 -17.69
CA LEU A 60 13.16 5.62 -17.50
C LEU A 60 12.22 4.64 -18.18
N ILE A 61 10.90 4.77 -18.01
CA ILE A 61 9.99 3.87 -18.70
C ILE A 61 10.16 4.03 -20.20
N SER A 62 10.29 5.29 -20.66
CA SER A 62 10.53 5.57 -22.07
C SER A 62 11.66 4.73 -22.64
N SER A 63 12.65 4.39 -21.82
CA SER A 63 13.76 3.55 -22.26
C SER A 63 13.51 2.07 -22.04
N GLN A 64 12.28 1.67 -21.72
CA GLN A 64 11.90 0.28 -21.58
C GLN A 64 12.80 -0.47 -20.61
N VAL A 65 13.08 0.17 -19.46
CA VAL A 65 13.88 -0.49 -18.43
C VAL A 65 13.18 -1.77 -17.98
N TYR A 66 13.97 -2.80 -17.72
CA TYR A 66 13.41 -4.00 -17.14
C TYR A 66 13.35 -3.94 -15.63
N ALA A 67 14.17 -3.10 -15.02
CA ALA A 67 14.11 -2.87 -13.60
C ALA A 67 14.65 -1.49 -13.32
N ILE A 68 14.39 -1.01 -12.11
CA ILE A 68 14.92 0.25 -11.63
C ILE A 68 15.47 0.03 -10.22
N LEU A 69 16.73 0.38 -10.02
CA LEU A 69 17.34 0.44 -8.71
C LEU A 69 17.00 1.79 -8.09
N VAL A 70 16.78 1.79 -6.76
CA VAL A 70 16.50 3.04 -6.07
C VAL A 70 17.51 3.25 -4.97
N SER A 71 17.69 4.52 -4.61
CA SER A 71 18.43 4.87 -3.40
C SER A 71 17.59 5.71 -2.46
N HIS A 79 11.86 15.25 0.14
CA HIS A 79 10.46 15.52 0.44
C HIS A 79 9.62 14.25 0.32
N LEU A 80 10.27 13.16 -0.10
CA LEU A 80 9.60 11.89 -0.40
C LEU A 80 10.61 10.75 -0.27
N THR A 81 10.07 9.53 -0.18
CA THR A 81 10.82 8.27 -0.21
C THR A 81 10.41 7.54 -1.49
N PRO A 82 10.84 6.26 -1.79
CA PRO A 82 10.68 5.76 -3.17
C PRO A 82 9.25 5.55 -3.66
N THR A 83 8.27 6.16 -2.99
CA THR A 83 6.88 5.95 -3.36
C THR A 83 6.57 6.34 -4.80
N PRO A 84 7.12 7.42 -5.36
CA PRO A 84 6.95 7.63 -6.81
C PRO A 84 7.50 6.49 -7.65
N ILE A 85 8.76 6.08 -7.48
CA ILE A 85 9.30 5.05 -8.35
C ILE A 85 8.53 3.75 -8.18
N SER A 86 7.84 3.57 -7.06
CA SER A 86 7.10 2.33 -6.87
C SER A 86 5.66 2.43 -7.38
N TYR A 87 4.95 3.54 -7.12
CA TYR A 87 3.61 3.68 -7.66
C TYR A 87 3.64 3.69 -9.19
N THR A 88 4.66 4.33 -9.78
CA THR A 88 4.76 4.44 -11.24
C THR A 88 5.18 3.13 -11.90
N ALA A 89 6.43 2.72 -11.72
CA ALA A 89 6.87 1.47 -12.32
C ALA A 89 6.08 0.28 -11.77
N GLY A 90 5.65 0.36 -10.50
CA GLY A 90 4.89 -0.75 -9.94
C GLY A 90 3.57 -0.95 -10.64
N PHE A 91 2.98 0.14 -11.14
CA PHE A 91 1.83 0.01 -12.03
C PHE A 91 2.13 -0.98 -13.14
N TYR A 92 3.23 -0.75 -13.86
CA TYR A 92 3.62 -1.59 -14.98
C TYR A 92 4.21 -2.92 -14.55
N ARG A 93 4.48 -3.10 -13.26
CA ARG A 93 5.08 -4.32 -12.71
C ARG A 93 6.53 -4.48 -13.08
N ILE A 94 7.19 -3.40 -13.50
CA ILE A 94 8.63 -3.41 -13.70
C ILE A 94 9.25 -3.55 -12.32
N PRO A 95 10.09 -4.55 -12.07
CA PRO A 95 10.62 -4.74 -10.72
C PRO A 95 11.48 -3.56 -10.29
N VAL A 96 11.21 -3.05 -9.11
CA VAL A 96 12.01 -2.01 -8.48
C VAL A 96 12.91 -2.67 -7.44
N ILE A 97 14.18 -2.25 -7.38
CA ILE A 97 15.12 -2.74 -6.38
C ILE A 97 15.61 -1.56 -5.54
N GLY A 98 15.18 -1.54 -4.28
CA GLY A 98 15.62 -0.52 -3.38
C GLY A 98 16.94 -0.95 -2.75
N LEU A 99 17.92 -0.04 -2.81
CA LEU A 99 19.26 -0.31 -2.34
C LEU A 99 19.46 0.08 -0.89
N THR A 100 18.85 1.16 -0.43
CA THR A 100 19.06 1.57 0.95
C THR A 100 17.78 1.77 1.76
N THR A 101 16.60 1.45 1.20
CA THR A 101 15.34 1.73 1.88
C THR A 101 15.08 0.73 3.00
N ARG A 102 15.00 1.20 4.25
CA ARG A 102 14.79 0.28 5.36
C ARG A 102 13.33 0.17 5.83
N MET A 103 12.46 1.08 5.39
CA MET A 103 11.11 1.18 5.94
C MET A 103 10.26 -0.06 5.66
N SER A 104 9.60 -0.59 6.71
CA SER A 104 8.82 -1.81 6.56
C SER A 104 7.59 -1.65 5.67
N ILE A 105 7.08 -0.42 5.47
CA ILE A 105 5.99 -0.21 4.50
C ILE A 105 6.27 -0.96 3.20
N TYR A 106 7.48 -0.80 2.66
CA TYR A 106 7.75 -1.38 1.36
C TYR A 106 7.77 -2.90 1.38
N SER A 107 7.62 -3.54 2.53
CA SER A 107 7.58 -5.00 2.56
C SER A 107 6.16 -5.55 2.42
N ASP A 108 5.18 -4.71 2.06
CA ASP A 108 3.78 -5.12 1.92
C ASP A 108 3.51 -5.39 0.44
N LYS A 109 3.28 -6.68 0.11
CA LYS A 109 2.97 -7.04 -1.28
C LYS A 109 1.75 -6.28 -1.80
N SER A 110 0.75 -6.02 -0.94
CA SER A 110 -0.44 -5.29 -1.36
C SER A 110 -0.13 -3.92 -1.97
N ILE A 111 0.89 -3.22 -1.46
CA ILE A 111 1.12 -1.84 -1.87
C ILE A 111 2.31 -1.68 -2.82
N HIS A 112 3.32 -2.53 -2.72
CA HIS A 112 4.50 -2.49 -3.58
C HIS A 112 4.76 -3.93 -4.01
N LEU A 113 4.08 -4.35 -5.08
CA LEU A 113 4.06 -5.76 -5.47
C LEU A 113 5.25 -6.15 -6.35
N SER A 114 5.78 -5.21 -7.12
CA SER A 114 7.03 -5.40 -7.85
C SER A 114 8.13 -4.68 -7.08
N PHE A 115 8.49 -5.18 -5.89
CA PHE A 115 9.51 -4.48 -5.12
C PHE A 115 10.51 -5.43 -4.49
N LEU A 116 11.78 -5.10 -4.64
CA LEU A 116 12.89 -5.88 -4.11
C LEU A 116 13.85 -4.94 -3.40
N ARG A 117 14.42 -5.41 -2.28
CA ARG A 117 15.37 -4.54 -1.59
C ARG A 117 16.52 -5.35 -1.02
N THR A 118 17.70 -4.73 -1.06
CA THR A 118 18.94 -5.38 -0.70
C THR A 118 19.27 -5.25 0.78
N VAL A 119 18.59 -4.36 1.50
CA VAL A 119 18.67 -4.25 2.95
C VAL A 119 17.42 -4.85 3.60
N PRO A 120 17.48 -5.28 4.86
CA PRO A 120 16.27 -5.81 5.52
C PRO A 120 15.44 -4.68 6.13
N PRO A 121 14.13 -4.84 6.22
CA PRO A 121 13.32 -3.81 6.85
C PRO A 121 13.62 -3.72 8.35
N TYR A 122 13.41 -2.52 8.89
CA TYR A 122 13.58 -2.30 10.32
C TYR A 122 12.89 -3.34 11.17
N SER A 123 11.69 -3.75 10.78
CA SER A 123 10.98 -4.80 11.49
C SER A 123 11.87 -5.99 11.84
N HIS A 124 12.86 -6.31 11.00
CA HIS A 124 13.66 -7.48 11.28
C HIS A 124 14.58 -7.30 12.48
N GLN A 125 14.82 -6.07 12.93
CA GLN A 125 15.50 -5.92 14.20
C GLN A 125 14.83 -6.79 15.27
N ALA A 126 13.53 -7.00 15.17
CA ALA A 126 12.83 -7.88 16.08
C ALA A 126 13.54 -9.21 16.23
N LEU A 127 14.06 -9.75 15.13
CA LEU A 127 14.74 -11.03 15.18
C LEU A 127 15.81 -11.00 16.27
N VAL A 128 16.64 -9.97 16.24
CA VAL A 128 17.69 -9.83 17.24
C VAL A 128 17.08 -9.63 18.62
N TRP A 129 16.12 -8.70 18.74
CA TRP A 129 15.41 -8.49 19.99
C TRP A 129 14.94 -9.81 20.57
N PHE A 130 14.42 -10.69 19.72
CA PHE A 130 14.05 -12.03 20.14
C PHE A 130 15.25 -12.84 20.62
N GLU A 131 16.19 -13.15 19.72
CA GLU A 131 17.30 -14.01 20.12
C GLU A 131 18.03 -13.44 21.34
N MET A 132 17.99 -12.11 21.50
CA MET A 132 18.55 -11.48 22.68
C MET A 132 17.83 -11.94 23.95
N MET A 133 16.50 -11.84 23.94
CA MET A 133 15.71 -12.31 25.08
C MET A 133 16.01 -13.78 25.39
N ARG A 134 16.20 -14.59 24.35
CA ARG A 134 16.57 -15.98 24.60
C ARG A 134 17.90 -16.06 25.34
N LEU A 135 18.85 -15.18 24.98
CA LEU A 135 20.16 -15.25 25.59
C LEU A 135 20.13 -14.85 27.05
N PHE A 136 19.42 -13.78 27.39
CA PHE A 136 19.35 -13.28 28.75
C PHE A 136 18.04 -13.61 29.44
N ASN A 137 17.34 -14.62 28.94
CA ASN A 137 16.12 -15.19 29.54
C ASN A 137 15.13 -14.11 29.99
N TRP A 138 14.83 -13.18 29.08
CA TRP A 138 13.80 -12.17 29.30
C TRP A 138 12.47 -12.75 28.85
N ASN A 139 11.56 -12.97 29.81
CA ASN A 139 10.30 -13.64 29.56
C ASN A 139 9.11 -12.72 29.66
N HIS A 140 9.31 -11.54 30.23
CA HIS A 140 8.26 -10.54 30.29
C HIS A 140 8.90 -9.22 29.87
N VAL A 141 8.45 -8.70 28.74
CA VAL A 141 8.93 -7.43 28.23
C VAL A 141 7.73 -6.56 27.94
N ILE A 142 7.99 -5.26 27.91
CA ILE A 142 6.98 -4.28 27.55
C ILE A 142 7.39 -3.66 26.22
N LEU A 143 6.48 -3.72 25.27
CA LEU A 143 6.71 -3.27 23.91
C LEU A 143 6.05 -1.91 23.75
N ILE A 144 6.85 -0.88 23.49
CA ILE A 144 6.34 0.44 23.18
C ILE A 144 6.56 0.67 21.69
N VAL A 145 5.48 0.96 20.95
CA VAL A 145 5.53 1.04 19.49
C VAL A 145 4.76 2.26 19.00
N SER A 146 5.38 3.01 18.09
CA SER A 146 4.61 4.00 17.37
C SER A 146 3.43 3.32 16.71
N ASP A 147 2.26 3.94 16.85
CA ASP A 147 1.05 3.42 16.24
C ASP A 147 0.99 3.86 14.79
N ASP A 148 1.98 3.40 14.04
CA ASP A 148 2.05 3.63 12.61
C ASP A 148 2.54 2.33 11.99
N HIS A 149 2.57 2.28 10.66
CA HIS A 149 2.91 1.02 10.03
C HIS A 149 4.28 0.54 10.47
N GLU A 150 5.24 1.45 10.59
CA GLU A 150 6.60 1.03 10.95
C GLU A 150 6.65 0.44 12.35
N GLY A 151 5.99 1.09 13.30
CA GLY A 151 5.95 0.56 14.66
C GLY A 151 5.19 -0.75 14.76
N ARG A 152 3.99 -0.80 14.20
CA ARG A 152 3.22 -2.03 14.30
C ARG A 152 3.85 -3.13 13.43
N ALA A 153 4.53 -2.75 12.34
CA ALA A 153 5.39 -3.68 11.60
C ALA A 153 6.33 -4.44 12.53
N ALA A 154 7.04 -3.69 13.39
CA ALA A 154 7.95 -4.29 14.36
C ALA A 154 7.21 -5.15 15.36
N GLN A 155 6.05 -4.67 15.85
CA GLN A 155 5.29 -5.43 16.84
C GLN A 155 4.90 -6.81 16.31
N LYS A 156 4.49 -6.89 15.04
CA LYS A 156 4.15 -8.20 14.48
C LYS A 156 5.34 -9.14 14.50
N LYS A 157 6.44 -8.77 13.82
CA LYS A 157 7.55 -9.69 13.63
C LYS A 157 8.05 -10.24 14.96
N LEU A 158 8.09 -9.39 15.98
CA LEU A 158 8.51 -9.85 17.30
C LEU A 158 7.50 -10.83 17.87
N GLU A 159 6.21 -10.53 17.71
CA GLU A 159 5.18 -11.37 18.31
C GLU A 159 5.11 -12.71 17.62
N THR A 160 5.12 -12.70 16.28
CA THR A 160 5.29 -13.92 15.51
C THR A 160 6.41 -14.77 16.07
N LEU A 161 7.53 -14.14 16.38
CA LEU A 161 8.70 -14.86 16.90
C LEU A 161 8.40 -15.47 18.26
N LEU A 162 7.50 -14.89 19.03
CA LEU A 162 7.22 -15.43 20.35
C LEU A 162 6.27 -16.62 20.32
N GLU A 163 5.73 -16.97 19.15
CA GLU A 163 4.73 -18.04 19.12
C GLU A 163 5.35 -19.39 19.49
N GLY A 164 6.57 -19.67 19.02
CA GLY A 164 7.32 -20.86 19.41
C GLY A 164 7.24 -21.27 20.88
N LYS A 165 6.66 -22.44 21.16
CA LYS A 165 6.34 -22.83 22.53
C LYS A 165 6.56 -24.32 22.82
N PRO A 188 -0.23 -13.98 22.80
CA PRO A 188 1.12 -13.40 22.85
C PRO A 188 1.50 -12.87 24.25
N LYS A 189 1.35 -13.70 25.29
CA LYS A 189 1.39 -13.19 26.66
C LYS A 189 2.76 -12.66 27.05
N ALA A 190 3.82 -12.98 26.31
CA ALA A 190 5.14 -12.61 26.77
C ALA A 190 5.43 -11.12 26.61
N ASP A 191 4.69 -10.41 25.76
CA ASP A 191 4.87 -8.97 25.59
C ASP A 191 3.57 -8.26 25.87
N LYS A 192 3.63 -7.23 26.72
CA LYS A 192 2.52 -6.30 26.90
C LYS A 192 2.80 -5.07 26.03
N VAL A 193 1.79 -4.61 25.32
CA VAL A 193 1.99 -3.64 24.24
C VAL A 193 1.35 -2.32 24.61
N LEU A 194 2.15 -1.26 24.61
CA LEU A 194 1.63 0.09 24.72
C LEU A 194 2.02 0.83 23.45
N GLN A 195 1.03 1.22 22.67
CA GLN A 195 1.26 2.00 21.46
C GLN A 195 1.08 3.47 21.78
N PHE A 196 1.51 4.33 20.86
CA PHE A 196 1.28 5.76 21.07
C PHE A 196 1.14 6.47 19.73
N GLU A 197 0.42 7.58 19.71
CA GLU A 197 0.19 8.28 18.47
C GLU A 197 1.49 8.93 18.05
N PRO A 198 2.05 8.58 16.90
CA PRO A 198 3.21 9.29 16.37
C PRO A 198 3.13 10.79 16.54
N GLY A 199 4.24 11.40 16.93
CA GLY A 199 4.29 12.84 17.07
C GLY A 199 3.84 13.35 18.41
N THR A 200 3.40 12.48 19.30
CA THR A 200 3.04 12.91 20.64
C THR A 200 4.25 13.55 21.30
N LYS A 201 3.98 14.55 22.14
CA LYS A 201 5.03 15.29 22.85
C LYS A 201 5.27 14.78 24.27
N ASN A 202 4.28 14.84 25.16
CA ASN A 202 4.42 14.39 26.55
C ASN A 202 3.88 12.97 26.61
N LEU A 203 4.73 12.03 27.07
CA LEU A 203 4.48 10.58 27.04
C LEU A 203 4.44 9.97 28.43
N THR A 204 4.46 10.80 29.46
CA THR A 204 4.34 10.30 30.82
C THR A 204 3.12 9.40 31.00
N ALA A 205 1.95 9.81 30.47
CA ALA A 205 0.73 9.03 30.62
C ALA A 205 0.94 7.58 30.21
N LEU A 206 1.47 7.37 28.99
CA LEU A 206 1.84 6.02 28.58
C LEU A 206 2.84 5.44 29.57
N LEU A 207 3.90 6.20 29.84
CA LEU A 207 5.00 5.68 30.64
C LEU A 207 4.54 5.32 32.04
N LEU A 208 3.78 6.21 32.68
CA LEU A 208 3.28 5.87 34.00
C LEU A 208 2.38 4.65 33.89
N GLU A 209 1.73 4.47 32.76
CA GLU A 209 0.99 3.22 32.59
C GLU A 209 1.95 2.06 32.50
N ALA A 210 3.06 2.27 31.79
CA ALA A 210 4.12 1.29 31.73
C ALA A 210 4.74 1.05 33.10
N LYS A 211 4.86 2.08 33.94
CA LYS A 211 5.38 1.87 35.28
C LYS A 211 4.42 1.06 36.14
N GLU A 212 3.11 1.30 36.00
CA GLU A 212 2.17 0.42 36.68
C GLU A 212 2.30 -1.00 36.17
N LEU A 213 2.50 -1.17 34.86
CA LEU A 213 2.64 -2.51 34.30
C LEU A 213 3.88 -3.21 34.81
N GLU A 214 4.82 -2.44 35.37
CA GLU A 214 5.84 -2.97 36.28
C GLU A 214 6.81 -3.94 35.61
N ALA A 215 7.37 -3.54 34.48
CA ALA A 215 8.33 -4.45 33.86
C ALA A 215 9.71 -3.83 33.84
N ARG A 216 10.71 -4.72 33.76
CA ARG A 216 12.10 -4.32 33.75
C ARG A 216 12.61 -4.17 32.34
N VAL A 217 12.20 -5.05 31.44
CA VAL A 217 12.66 -5.00 30.07
C VAL A 217 11.67 -4.18 29.27
N ILE A 218 12.19 -3.39 28.32
CA ILE A 218 11.38 -2.48 27.53
C ILE A 218 11.95 -2.41 26.13
N ILE A 219 11.19 -2.85 25.13
CA ILE A 219 11.59 -2.71 23.74
C ILE A 219 10.89 -1.50 23.13
N LEU A 220 11.63 -0.72 22.35
CA LEU A 220 11.07 0.47 21.71
C LEU A 220 11.04 0.33 20.19
N SER A 221 9.99 0.86 19.56
CA SER A 221 9.97 1.08 18.11
C SER A 221 9.48 2.50 17.82
N ALA A 222 10.39 3.42 17.56
CA ALA A 222 9.98 4.75 17.15
C ALA A 222 11.08 5.38 16.30
N SER A 223 10.77 6.55 15.74
CA SER A 223 11.72 7.32 14.99
C SER A 223 12.66 8.05 15.95
N GLU A 224 13.71 8.69 15.40
CA GLU A 224 14.62 9.48 16.22
C GLU A 224 13.83 10.49 17.05
N ASP A 225 13.04 11.34 16.37
CA ASP A 225 12.34 12.42 17.08
C ASP A 225 11.35 11.86 18.10
N ASP A 226 10.67 10.76 17.78
CA ASP A 226 9.67 10.23 18.70
C ASP A 226 10.30 9.45 19.83
N ALA A 227 11.33 8.65 19.53
CA ALA A 227 12.05 7.99 20.62
C ALA A 227 12.65 9.02 21.56
N THR A 228 13.18 10.11 21.01
CA THR A 228 13.63 11.24 21.83
C THR A 228 12.60 11.53 22.92
N ALA A 229 11.33 11.67 22.53
CA ALA A 229 10.31 12.09 23.50
C ALA A 229 10.11 11.02 24.57
N VAL A 230 10.07 9.75 24.17
CA VAL A 230 10.04 8.68 25.14
C VAL A 230 11.27 8.76 26.03
N TYR A 231 12.43 9.00 25.41
CA TYR A 231 13.68 9.08 26.16
C TYR A 231 13.60 10.13 27.25
N LYS A 232 12.97 11.27 26.95
CA LYS A 232 12.84 12.34 27.93
C LYS A 232 11.85 11.96 29.04
N SER A 233 10.59 11.73 28.68
CA SER A 233 9.57 11.41 29.67
C SER A 233 9.98 10.28 30.60
N ALA A 234 10.66 9.26 30.05
CA ALA A 234 11.14 8.20 30.93
C ALA A 234 12.23 8.69 31.88
N ALA A 235 12.94 9.75 31.52
CA ALA A 235 13.92 10.31 32.44
C ALA A 235 13.24 11.01 33.60
N MET A 236 12.11 11.66 33.35
CA MET A 236 11.37 12.34 34.40
C MET A 236 10.80 11.38 35.43
N LEU A 237 10.82 10.06 35.21
CA LEU A 237 10.11 9.15 36.11
C LEU A 237 11.02 8.10 36.72
N ASP A 238 12.34 8.29 36.66
CA ASP A 238 13.31 7.32 37.16
C ASP A 238 13.26 6.00 36.40
N MET A 239 12.73 6.02 35.19
CA MET A 239 12.73 4.81 34.38
C MET A 239 14.02 4.65 33.58
N THR A 240 14.93 5.63 33.66
CA THR A 240 16.23 5.59 33.00
C THR A 240 17.27 4.82 33.78
N GLY A 241 16.96 4.37 35.00
CA GLY A 241 17.95 3.93 35.96
C GLY A 241 18.07 2.42 36.10
N ALA A 242 18.61 2.01 37.24
CA ALA A 242 18.95 0.61 37.48
C ALA A 242 17.71 -0.25 37.62
N GLY A 243 17.81 -1.48 37.13
CA GLY A 243 16.67 -2.37 37.10
C GLY A 243 16.08 -2.50 35.72
N TYR A 244 15.93 -1.38 35.02
CA TYR A 244 15.41 -1.37 33.66
C TYR A 244 16.48 -1.76 32.64
N VAL A 245 16.01 -2.34 31.54
CA VAL A 245 16.81 -2.56 30.34
C VAL A 245 16.11 -1.82 29.20
N TRP A 246 16.88 -1.10 28.41
CA TRP A 246 16.32 -0.41 27.25
C TRP A 246 16.85 -1.06 25.98
N LEU A 247 15.99 -1.85 25.34
CA LEU A 247 16.27 -2.50 24.06
C LEU A 247 15.63 -1.68 22.97
N VAL A 248 16.23 -1.69 21.78
CA VAL A 248 15.94 -0.64 20.82
C VAL A 248 16.46 -0.98 19.43
N GLY A 249 16.03 -0.23 18.42
CA GLY A 249 16.47 -0.42 17.05
C GLY A 249 17.54 0.58 16.66
N GLU A 250 17.44 1.06 15.43
CA GLU A 250 18.48 1.90 14.86
C GLU A 250 18.07 3.36 14.75
N ARG A 251 16.86 3.64 14.29
CA ARG A 251 16.41 5.02 14.34
C ARG A 251 16.39 5.51 15.77
N GLU A 252 16.15 4.60 16.71
CA GLU A 252 15.96 5.01 18.08
C GLU A 252 17.24 5.51 18.72
N ILE A 253 18.38 5.20 18.12
CA ILE A 253 19.64 5.83 18.51
C ILE A 253 20.21 6.53 17.29
N SER A 254 19.32 6.96 16.38
CA SER A 254 19.75 7.79 15.27
C SER A 254 20.36 9.07 15.80
N GLY A 255 20.98 9.83 14.91
CA GLY A 255 21.60 11.07 15.34
C GLY A 255 20.57 12.02 15.95
N SER A 256 21.06 12.88 16.83
CA SER A 256 20.31 13.83 17.64
C SER A 256 19.57 13.12 18.77
N ALA A 257 19.41 11.78 18.72
CA ALA A 257 18.63 11.03 19.72
C ALA A 257 19.45 10.55 20.91
N LEU A 258 20.77 10.56 20.82
CA LEU A 258 21.56 10.02 21.92
C LEU A 258 21.70 10.98 23.09
N ARG A 259 21.56 12.30 22.82
CA ARG A 259 21.69 13.30 23.88
C ARG A 259 20.79 12.98 25.07
N TYR A 260 19.69 12.23 24.85
CA TYR A 260 18.68 11.99 25.87
C TYR A 260 18.42 10.51 26.17
N ALA A 261 19.15 9.61 25.54
CA ALA A 261 18.87 8.20 25.74
C ALA A 261 19.49 7.70 27.05
N PRO A 262 18.76 6.93 27.84
CA PRO A 262 19.28 6.46 29.13
C PRO A 262 20.55 5.65 28.97
N ASP A 263 21.53 5.94 29.82
CA ASP A 263 22.74 5.14 29.87
C ASP A 263 22.39 3.69 30.08
N GLY A 264 23.09 2.80 29.37
CA GLY A 264 22.78 1.39 29.40
C GLY A 264 21.71 0.96 28.42
N ILE A 265 21.33 1.82 27.48
CA ILE A 265 20.45 1.37 26.43
C ILE A 265 21.20 0.35 25.58
N ILE A 266 20.44 -0.40 24.78
CA ILE A 266 21.04 -1.25 23.75
C ILE A 266 20.32 -0.96 22.45
N GLY A 267 21.09 -0.69 21.40
CA GLY A 267 20.54 -0.30 20.11
C GLY A 267 21.08 -1.25 19.06
N LEU A 268 20.91 -0.91 17.79
CA LEU A 268 21.45 -1.72 16.72
C LEU A 268 21.78 -0.80 15.56
N GLN A 269 22.92 -1.03 14.95
CA GLN A 269 23.20 -0.46 13.66
C GLN A 269 23.46 -1.63 12.73
N LEU A 270 22.96 -1.50 11.51
CA LEU A 270 22.99 -2.58 10.52
C LEU A 270 24.27 -2.48 9.73
N ILE A 271 24.95 -3.60 9.58
CA ILE A 271 26.30 -3.61 9.01
C ILE A 271 26.23 -3.31 7.52
N ASN A 272 26.90 -2.23 7.11
CA ASN A 272 27.03 -1.79 5.71
C ASN A 272 25.67 -1.48 5.07
N GLY A 273 24.72 -1.06 5.88
CA GLY A 273 23.40 -0.77 5.36
C GLY A 273 23.22 0.59 4.76
N LYS A 274 24.27 1.41 4.70
CA LYS A 274 24.16 2.77 4.21
C LYS A 274 24.96 3.00 2.94
N ASN A 275 25.66 1.99 2.43
CA ASN A 275 26.61 2.17 1.34
C ASN A 275 25.88 2.07 0.00
N GLU A 276 25.32 3.20 -0.46
CA GLU A 276 24.67 3.22 -1.77
C GLU A 276 25.60 2.68 -2.85
N SER A 277 26.91 2.96 -2.74
CA SER A 277 27.85 2.45 -3.74
C SER A 277 27.98 0.94 -3.65
N ALA A 278 28.25 0.40 -2.47
CA ALA A 278 28.40 -1.05 -2.35
C ALA A 278 27.14 -1.77 -2.78
N HIS A 279 25.98 -1.14 -2.63
CA HIS A 279 24.74 -1.81 -2.98
C HIS A 279 24.45 -1.73 -4.47
N ILE A 280 24.79 -0.61 -5.12
CA ILE A 280 24.72 -0.54 -6.57
C ILE A 280 25.55 -1.67 -7.20
N SER A 281 26.75 -1.92 -6.66
CA SER A 281 27.55 -3.04 -7.11
C SER A 281 26.69 -4.30 -7.17
N ASP A 282 26.29 -4.79 -6.01
CA ASP A 282 25.73 -6.13 -5.93
C ASP A 282 24.39 -6.24 -6.66
N ALA A 283 23.52 -5.23 -6.53
CA ALA A 283 22.25 -5.25 -7.23
C ALA A 283 22.44 -5.50 -8.72
N VAL A 284 23.17 -4.61 -9.40
CA VAL A 284 23.43 -4.81 -10.82
C VAL A 284 23.95 -6.22 -11.09
N ALA A 285 24.80 -6.73 -10.21
CA ALA A 285 25.27 -8.09 -10.42
C ALA A 285 24.08 -9.04 -10.49
N VAL A 286 23.15 -8.89 -9.56
CA VAL A 286 22.03 -9.81 -9.47
C VAL A 286 21.00 -9.54 -10.57
N VAL A 287 20.66 -8.28 -10.82
CA VAL A 287 19.80 -8.00 -11.95
C VAL A 287 20.43 -8.55 -13.23
N ALA A 288 21.72 -8.26 -13.44
CA ALA A 288 22.41 -8.79 -14.61
C ALA A 288 22.29 -10.31 -14.68
N GLN A 289 22.72 -10.99 -13.62
CA GLN A 289 22.61 -12.44 -13.62
C GLN A 289 21.23 -12.87 -14.04
N ALA A 290 20.23 -12.11 -13.61
CA ALA A 290 18.82 -12.48 -13.74
C ALA A 290 18.16 -11.91 -14.98
N ILE A 291 18.61 -10.78 -15.51
CA ILE A 291 18.15 -10.40 -16.85
C ILE A 291 18.60 -11.45 -17.85
N HIS A 292 19.86 -11.89 -17.76
CA HIS A 292 20.30 -13.03 -18.57
C HIS A 292 19.47 -14.27 -18.28
N GLU A 293 19.22 -14.57 -17.00
CA GLU A 293 18.38 -15.70 -16.60
C GLU A 293 17.06 -15.70 -17.35
N LEU A 294 16.49 -14.53 -17.61
CA LEU A 294 15.16 -14.43 -18.17
C LEU A 294 15.10 -14.97 -19.60
N PHE A 295 16.16 -14.77 -20.37
CA PHE A 295 16.08 -15.04 -21.79
C PHE A 295 16.25 -16.51 -22.14
N GLU A 296 16.29 -17.38 -21.14
CA GLU A 296 16.21 -18.79 -21.46
C GLU A 296 14.80 -19.21 -21.82
N MET A 297 13.84 -18.30 -21.76
CA MET A 297 12.43 -18.64 -21.87
C MET A 297 11.89 -18.23 -23.23
N GLU A 298 10.92 -19.01 -23.71
CA GLU A 298 10.17 -18.54 -24.85
C GLU A 298 9.03 -17.64 -24.37
N ASN A 299 8.42 -16.92 -25.31
CA ASN A 299 7.30 -16.04 -25.00
C ASN A 299 7.73 -14.98 -23.98
N ILE A 300 8.75 -14.19 -24.34
CA ILE A 300 9.24 -13.08 -23.54
C ILE A 300 8.79 -11.79 -24.21
N THR A 301 8.39 -10.80 -23.41
CA THR A 301 7.95 -9.51 -23.91
C THR A 301 8.66 -8.37 -23.18
N ASP A 302 8.78 -7.26 -23.86
CA ASP A 302 9.46 -6.07 -23.40
C ASP A 302 8.48 -5.16 -22.66
N PRO A 303 8.96 -4.48 -21.62
CA PRO A 303 8.12 -3.53 -20.90
C PRO A 303 7.72 -2.39 -21.81
N PRO A 304 6.70 -1.63 -21.45
CA PRO A 304 6.24 -0.56 -22.36
C PRO A 304 7.27 0.53 -22.54
N ARG A 305 7.23 1.19 -23.68
CA ARG A 305 8.13 2.33 -23.90
C ARG A 305 7.60 3.58 -23.19
N GLY A 306 6.55 4.17 -23.69
CA GLY A 306 5.98 5.26 -22.94
C GLY A 306 5.40 4.80 -21.61
N CYS A 307 5.08 5.78 -20.77
CA CYS A 307 3.99 5.63 -19.82
C CYS A 307 2.67 5.89 -20.52
N VAL A 308 2.62 7.03 -21.24
CA VAL A 308 1.46 7.44 -22.01
C VAL A 308 0.90 6.29 -22.84
N GLY A 309 -0.44 6.17 -22.83
CA GLY A 309 -1.12 5.22 -23.66
C GLY A 309 -1.18 3.80 -23.14
N ASN A 310 -0.24 3.40 -22.26
CA ASN A 310 -0.19 2.02 -21.77
C ASN A 310 -0.80 1.96 -20.39
N THR A 311 -1.80 1.11 -20.24
CA THR A 311 -2.48 0.91 -18.97
C THR A 311 -2.69 -0.56 -18.70
N ASN A 312 -1.81 -1.42 -19.24
CA ASN A 312 -1.77 -2.83 -18.89
C ASN A 312 -0.36 -3.16 -18.43
N ILE A 313 -0.29 -4.02 -17.41
CA ILE A 313 0.96 -4.46 -16.83
C ILE A 313 1.94 -4.95 -17.90
N TRP A 314 3.22 -4.72 -17.69
CA TRP A 314 4.22 -5.42 -18.48
C TRP A 314 4.09 -6.91 -18.23
N LYS A 315 3.84 -7.67 -19.31
CA LYS A 315 3.35 -9.04 -19.17
C LYS A 315 4.38 -9.96 -18.50
N THR A 316 5.66 -9.78 -18.81
CA THR A 316 6.71 -10.65 -18.29
C THR A 316 7.17 -10.23 -16.91
N GLY A 317 7.07 -8.93 -16.60
CA GLY A 317 7.48 -8.35 -15.33
C GLY A 317 7.13 -9.15 -14.09
N PRO A 318 5.96 -9.79 -14.08
CA PRO A 318 5.71 -10.82 -13.07
C PRO A 318 6.72 -11.96 -13.10
N LEU A 319 6.96 -12.58 -14.25
CA LEU A 319 7.95 -13.66 -14.31
C LEU A 319 9.32 -13.14 -13.92
N PHE A 320 9.68 -11.95 -14.42
CA PHE A 320 10.98 -11.39 -14.06
C PHE A 320 11.12 -11.31 -12.55
N LYS A 321 10.09 -10.79 -11.87
CA LYS A 321 10.10 -10.76 -10.41
C LYS A 321 10.34 -12.14 -9.84
N ARG A 322 9.68 -13.16 -10.39
CA ARG A 322 9.90 -14.52 -9.92
C ARG A 322 11.36 -14.92 -10.03
N VAL A 323 12.04 -14.41 -11.06
CA VAL A 323 13.42 -14.83 -11.32
C VAL A 323 14.35 -14.22 -10.28
N LEU A 324 14.39 -12.88 -10.22
CA LEU A 324 15.16 -12.16 -9.21
C LEU A 324 15.01 -12.79 -7.83
N MET A 325 13.77 -13.05 -7.41
CA MET A 325 13.56 -13.60 -6.09
C MET A 325 14.29 -14.92 -5.93
N SER A 326 14.11 -15.83 -6.89
CA SER A 326 14.76 -17.14 -6.83
C SER A 326 16.26 -17.07 -7.11
N SER A 327 16.77 -15.89 -7.43
CA SER A 327 18.20 -15.71 -7.60
C SER A 327 18.88 -15.59 -6.24
N LYS A 328 19.97 -16.33 -6.08
CA LYS A 328 20.87 -16.25 -4.94
C LYS A 328 22.24 -15.84 -5.46
N TYR A 329 22.97 -15.09 -4.64
CA TYR A 329 24.26 -14.57 -5.07
C TYR A 329 25.31 -14.67 -3.97
N PRO A 330 26.31 -15.51 -4.14
CA PRO A 330 27.43 -15.55 -3.19
C PRO A 330 28.47 -14.52 -3.61
N ASP A 331 29.43 -14.29 -2.71
CA ASP A 331 30.57 -13.41 -2.96
C ASP A 331 30.13 -12.02 -3.40
N GLY A 332 28.91 -11.65 -3.01
CA GLY A 332 28.46 -10.28 -3.18
C GLY A 332 29.18 -9.38 -2.19
N VAL A 333 29.45 -8.15 -2.62
CA VAL A 333 30.30 -7.25 -1.85
C VAL A 333 29.66 -6.88 -0.51
N THR A 334 28.33 -6.83 -0.45
CA THR A 334 27.62 -6.61 0.81
C THR A 334 27.37 -7.91 1.58
N GLY A 335 27.81 -9.05 1.05
CA GLY A 335 27.52 -10.36 1.59
C GLY A 335 26.67 -11.17 0.66
N ARG A 336 26.31 -12.37 1.11
CA ARG A 336 25.44 -13.25 0.33
C ARG A 336 24.04 -12.64 0.20
N ILE A 337 23.61 -12.38 -1.03
CA ILE A 337 22.33 -11.70 -1.30
C ILE A 337 21.26 -12.75 -1.62
N GLU A 338 20.56 -13.22 -0.58
CA GLU A 338 19.35 -14.01 -0.74
C GLU A 338 18.11 -13.14 -0.49
N PHE A 339 16.93 -13.71 -0.80
CA PHE A 339 15.66 -12.99 -0.77
C PHE A 339 14.56 -13.87 -0.20
N ASN A 340 13.82 -13.34 0.76
CA ASN A 340 12.75 -14.07 1.40
C ASN A 340 11.46 -13.98 0.59
N GLU A 341 10.38 -14.51 1.16
CA GLU A 341 9.07 -14.52 0.53
C GLU A 341 8.61 -13.14 0.07
N ASP A 342 8.96 -12.08 0.82
CA ASP A 342 8.51 -10.71 0.54
C ASP A 342 9.51 -9.91 -0.28
N GLY A 343 10.64 -10.51 -0.66
CA GLY A 343 11.61 -9.79 -1.43
C GLY A 343 12.49 -8.85 -0.64
N ASP A 344 12.64 -9.08 0.67
CA ASP A 344 13.63 -8.44 1.52
C ASP A 344 14.92 -9.25 1.48
N ARG A 345 15.98 -8.71 2.07
CA ARG A 345 17.20 -9.49 2.24
C ARG A 345 16.99 -10.58 3.29
N LYS A 346 17.29 -11.82 2.94
CA LYS A 346 16.90 -12.95 3.79
C LYS A 346 17.64 -12.94 5.13
N PHE A 347 18.94 -12.72 5.11
CA PHE A 347 19.72 -12.68 6.34
C PHE A 347 20.43 -11.34 6.45
N ALA A 348 20.74 -10.92 7.67
CA ALA A 348 21.35 -9.61 7.84
C ALA A 348 22.10 -9.57 9.16
N GLN A 349 23.15 -8.75 9.21
CA GLN A 349 23.97 -8.63 10.40
C GLN A 349 23.92 -7.20 10.93
N TYR A 350 23.78 -7.09 12.23
CA TYR A 350 23.73 -5.81 12.90
C TYR A 350 24.81 -5.78 13.97
N SER A 351 25.52 -4.67 14.04
CA SER A 351 26.42 -4.45 15.15
C SER A 351 25.60 -3.99 16.35
N ILE A 352 25.49 -4.84 17.37
CA ILE A 352 24.83 -4.42 18.59
C ILE A 352 25.61 -3.29 19.26
N MET A 353 24.90 -2.43 20.01
CA MET A 353 25.49 -1.21 20.54
C MET A 353 24.98 -0.91 21.94
N ASN A 354 25.91 -0.68 22.86
CA ASN A 354 25.63 -0.30 24.24
C ASN A 354 26.05 1.15 24.39
N LEU A 355 25.20 1.97 25.00
CA LEU A 355 25.61 3.34 25.32
C LEU A 355 26.16 3.37 26.74
N GLN A 356 27.35 3.94 26.88
CA GLN A 356 28.00 4.14 28.17
C GLN A 356 28.60 5.54 28.19
N ASN A 357 28.28 6.30 29.24
CA ASN A 357 28.69 7.70 29.39
C ASN A 357 28.34 8.41 28.10
N ARG A 358 29.30 8.67 27.20
CA ARG A 358 29.06 9.35 25.93
C ARG A 358 29.64 8.59 24.75
N LYS A 359 30.13 7.38 24.97
CA LYS A 359 30.67 6.55 23.91
C LYS A 359 29.72 5.39 23.68
N LEU A 360 29.58 5.02 22.40
CA LEU A 360 28.69 3.95 21.95
C LEU A 360 29.54 2.72 21.63
N VAL A 361 29.98 2.03 22.67
CA VAL A 361 30.78 0.84 22.47
C VAL A 361 29.92 -0.23 21.80
N GLN A 362 30.57 -1.14 21.07
CA GLN A 362 29.89 -2.27 20.44
C GLN A 362 30.18 -3.53 21.24
N VAL A 363 29.18 -4.02 21.98
CA VAL A 363 29.37 -5.18 22.82
C VAL A 363 29.17 -6.50 22.08
N GLY A 364 28.87 -6.47 20.79
CA GLY A 364 28.72 -7.69 20.02
C GLY A 364 28.11 -7.48 18.64
N ILE A 365 28.28 -8.44 17.73
CA ILE A 365 27.59 -8.41 16.46
C ILE A 365 26.55 -9.54 16.44
N PHE A 366 25.60 -9.43 15.53
CA PHE A 366 24.61 -10.47 15.29
C PHE A 366 24.83 -11.02 13.90
N ASN A 367 25.23 -12.29 13.81
CA ASN A 367 25.76 -12.82 12.55
C ASN A 367 24.67 -13.25 11.58
N GLY A 368 23.47 -12.66 11.63
CA GLY A 368 22.37 -13.09 10.79
C GLY A 368 21.55 -14.23 11.35
N SER A 369 22.12 -15.00 12.29
CA SER A 369 21.52 -16.21 12.83
C SER A 369 21.65 -16.25 14.34
N TYR A 370 22.90 -16.13 14.80
CA TYR A 370 23.24 -16.19 16.22
C TYR A 370 23.91 -14.87 16.61
N ILE A 371 23.87 -14.57 17.90
CA ILE A 371 24.56 -13.39 18.41
C ILE A 371 25.99 -13.79 18.76
N ILE A 372 26.94 -12.85 18.64
CA ILE A 372 28.30 -13.08 19.11
C ILE A 372 28.75 -11.84 19.87
N GLN A 373 29.10 -12.01 21.13
CA GLN A 373 29.44 -10.87 21.97
C GLN A 373 30.86 -10.38 21.69
N ASN A 374 31.09 -9.09 21.91
CA ASN A 374 32.44 -8.53 21.83
C ASN A 374 33.14 -8.71 23.17
N ASP A 375 34.46 -8.50 23.16
CA ASP A 375 35.24 -8.57 24.39
C ASP A 375 34.71 -7.58 25.42
N ARG A 376 34.24 -6.41 24.98
CA ARG A 376 33.59 -5.45 25.86
C ARG A 376 32.28 -6.05 26.41
N LYS A 377 32.12 -5.96 27.74
CA LYS A 377 30.93 -6.48 28.41
C LYS A 377 29.85 -5.41 28.49
N ILE A 378 28.63 -5.85 28.79
CA ILE A 378 27.50 -4.94 28.82
C ILE A 378 27.53 -4.14 30.12
N ILE A 379 27.37 -2.82 30.00
CA ILE A 379 27.18 -1.94 31.13
C ILE A 379 25.70 -1.58 31.16
N TRP A 380 24.93 -2.29 31.99
CA TRP A 380 23.49 -2.10 32.09
C TRP A 380 23.13 -0.67 32.47
N PRO A 381 21.86 -0.29 32.44
CA PRO A 381 21.46 0.98 33.06
C PRO A 381 21.70 0.96 34.55
N GLY A 382 22.62 1.82 35.01
CA GLY A 382 23.08 1.82 36.39
C GLY A 382 24.14 0.78 36.70
N GLY A 383 25.28 0.84 35.98
CA GLY A 383 26.34 -0.13 36.15
C GLY A 383 25.88 -1.60 36.09
N PRO B 1 -18.91 38.23 -4.62
CA PRO B 1 -19.05 36.79 -4.37
C PRO B 1 -17.82 35.99 -4.84
N PRO B 2 -17.46 34.93 -4.10
CA PRO B 2 -16.19 34.23 -4.36
C PRO B 2 -16.31 32.93 -5.16
N SER B 3 -15.47 32.80 -6.20
CA SER B 3 -15.42 31.65 -7.07
C SER B 3 -14.54 30.53 -6.49
N ILE B 4 -14.84 29.30 -6.88
CA ILE B 4 -13.93 28.18 -6.70
C ILE B 4 -13.90 27.37 -8.01
N GLY B 5 -12.72 27.14 -8.57
CA GLY B 5 -12.64 26.31 -9.74
C GLY B 5 -12.88 24.86 -9.40
N ILE B 6 -13.51 24.12 -10.32
CA ILE B 6 -13.74 22.68 -10.15
C ILE B 6 -13.56 21.93 -11.48
N ALA B 7 -12.35 21.43 -11.74
CA ALA B 7 -12.11 20.59 -12.90
C ALA B 7 -12.93 19.30 -12.84
N VAL B 8 -13.33 18.79 -14.01
CA VAL B 8 -14.13 17.58 -14.09
C VAL B 8 -13.55 16.64 -15.14
N ILE B 9 -12.36 16.09 -14.90
CA ILE B 9 -11.83 15.11 -15.84
C ILE B 9 -12.85 13.99 -15.99
N LEU B 10 -13.31 13.79 -17.22
CA LEU B 10 -14.34 12.81 -17.58
C LEU B 10 -13.72 11.94 -18.65
N VAL B 11 -13.50 10.67 -18.36
CA VAL B 11 -12.74 9.82 -19.27
C VAL B 11 -13.72 8.98 -20.06
N GLY B 12 -13.90 9.34 -21.34
CA GLY B 12 -14.79 8.65 -22.23
C GLY B 12 -16.25 8.65 -21.82
N THR B 13 -16.95 9.77 -22.04
CA THR B 13 -18.37 9.85 -21.70
C THR B 13 -19.03 10.90 -22.60
N SER B 14 -19.84 10.45 -23.55
CA SER B 14 -20.55 11.36 -24.47
C SER B 14 -21.92 11.70 -23.90
N ASP B 15 -21.91 12.44 -22.79
CA ASP B 15 -23.12 12.91 -22.14
C ASP B 15 -22.93 14.38 -21.75
N GLU B 16 -23.92 14.92 -21.04
CA GLU B 16 -23.87 16.30 -20.57
C GLU B 16 -25.01 16.49 -19.57
N VAL B 17 -24.94 17.62 -18.84
CA VAL B 17 -26.01 18.04 -17.92
C VAL B 17 -25.72 19.44 -17.40
N PHE B 28 -28.20 25.18 -9.58
CA PHE B 28 -29.18 24.60 -8.65
C PHE B 28 -28.70 24.71 -7.21
N HIS B 29 -28.10 25.86 -6.87
CA HIS B 29 -27.41 26.04 -5.58
C HIS B 29 -27.55 27.48 -5.08
N HIS B 30 -27.77 27.64 -3.75
CA HIS B 30 -27.92 28.96 -3.12
C HIS B 30 -27.12 29.01 -1.81
N LEU B 31 -25.79 29.05 -1.94
CA LEU B 31 -24.84 29.09 -0.84
C LEU B 31 -23.82 30.21 -1.10
N SER B 32 -22.76 30.30 -0.29
CA SER B 32 -21.99 31.55 -0.24
C SER B 32 -20.92 31.66 -1.32
N VAL B 33 -20.28 30.56 -1.70
CA VAL B 33 -19.31 30.55 -2.79
C VAL B 33 -19.98 29.90 -4.00
N VAL B 34 -19.85 30.54 -5.15
CA VAL B 34 -20.37 30.01 -6.41
C VAL B 34 -19.22 29.31 -7.13
N PRO B 35 -19.45 28.12 -7.67
CA PRO B 35 -18.38 27.38 -8.33
C PRO B 35 -18.18 27.78 -9.78
N ARG B 36 -16.91 27.87 -10.20
CA ARG B 36 -16.57 28.01 -11.62
C ARG B 36 -16.16 26.64 -12.14
N VAL B 37 -17.18 25.84 -12.53
CA VAL B 37 -16.97 24.52 -13.12
C VAL B 37 -16.36 24.64 -14.51
N GLU B 38 -15.45 23.72 -14.85
CA GLU B 38 -14.88 23.64 -16.19
C GLU B 38 -14.66 22.16 -16.51
N LEU B 39 -15.48 21.62 -17.43
CA LEU B 39 -15.44 20.20 -17.78
C LEU B 39 -14.25 19.88 -18.69
N VAL B 40 -13.73 18.65 -18.59
CA VAL B 40 -12.63 18.19 -19.44
C VAL B 40 -12.68 16.67 -19.61
N ALA B 41 -12.26 16.20 -20.78
CA ALA B 41 -12.15 14.78 -21.05
C ALA B 41 -10.71 14.39 -21.39
N MET B 42 -10.38 13.13 -21.13
CA MET B 42 -9.06 12.62 -21.47
C MET B 42 -9.19 11.24 -22.09
N ASN B 43 -8.20 10.90 -22.91
CA ASN B 43 -8.22 9.64 -23.65
C ASN B 43 -7.47 8.55 -22.88
N GLU B 44 -6.41 8.91 -22.18
CA GLU B 44 -5.59 7.91 -21.53
C GLU B 44 -5.84 7.89 -20.03
N THR B 45 -5.62 6.73 -19.42
CA THR B 45 -5.83 6.53 -17.99
C THR B 45 -4.56 6.00 -17.35
N ASP B 46 -3.39 6.25 -17.97
CA ASP B 46 -2.06 5.94 -17.48
C ASP B 46 -1.56 7.05 -16.56
N PRO B 47 -0.59 6.72 -15.66
CA PRO B 47 0.03 7.71 -14.78
C PRO B 47 0.43 9.02 -15.41
N LYS B 48 1.34 9.03 -16.40
CA LYS B 48 1.77 10.32 -16.91
C LYS B 48 0.60 11.07 -17.49
N SER B 49 -0.36 10.35 -18.07
CA SER B 49 -1.50 11.01 -18.69
C SER B 49 -2.40 11.64 -17.63
N ILE B 50 -2.78 10.86 -16.61
CA ILE B 50 -3.60 11.39 -15.53
C ILE B 50 -2.85 12.48 -14.75
N ILE B 51 -1.57 12.24 -14.43
CA ILE B 51 -0.83 13.19 -13.60
C ILE B 51 -0.76 14.55 -14.29
N THR B 52 -0.42 14.53 -15.57
CA THR B 52 -0.13 15.77 -16.25
C THR B 52 -1.38 16.57 -16.60
N ARG B 53 -2.54 15.93 -16.71
CA ARG B 53 -3.78 16.68 -16.95
C ARG B 53 -4.09 17.57 -15.76
N ILE B 54 -4.16 16.97 -14.58
CA ILE B 54 -4.51 17.71 -13.37
C ILE B 54 -3.45 18.76 -13.03
N CYS B 55 -2.17 18.48 -13.31
CA CYS B 55 -1.13 19.44 -12.97
C CYS B 55 -1.22 20.73 -13.78
N ASP B 56 -1.74 20.67 -15.00
CA ASP B 56 -1.87 21.83 -15.87
C ASP B 56 -3.15 22.61 -15.59
N LEU B 57 -4.27 21.90 -15.45
CA LEU B 57 -5.52 22.54 -15.14
C LEU B 57 -5.42 23.34 -13.83
N MET B 58 -4.32 23.18 -13.08
CA MET B 58 -4.05 24.02 -11.92
C MET B 58 -3.25 25.25 -12.35
N SER B 59 -2.02 25.03 -12.79
CA SER B 59 -1.09 26.13 -13.05
C SER B 59 -1.56 27.04 -14.16
N ASP B 60 -2.53 26.59 -14.96
CA ASP B 60 -3.21 27.49 -15.89
C ASP B 60 -4.45 28.08 -15.23
N ARG B 61 -5.43 27.22 -14.93
CA ARG B 61 -6.81 27.63 -14.79
C ARG B 61 -7.27 27.87 -13.35
N LYS B 62 -6.35 27.83 -12.38
CA LYS B 62 -6.68 28.15 -10.98
C LYS B 62 -7.84 27.29 -10.46
N ILE B 63 -7.62 25.97 -10.46
CA ILE B 63 -8.59 25.00 -9.97
C ILE B 63 -8.45 24.86 -8.45
N GLN B 64 -9.41 24.18 -7.83
CA GLN B 64 -9.52 24.12 -6.39
C GLN B 64 -10.04 22.78 -5.90
N GLY B 65 -10.33 21.87 -6.79
CA GLY B 65 -10.85 20.55 -6.45
C GLY B 65 -11.20 19.88 -7.77
N VAL B 66 -11.37 18.57 -7.72
CA VAL B 66 -11.59 17.78 -8.94
C VAL B 66 -12.65 16.73 -8.69
N VAL B 67 -13.71 16.77 -9.50
CA VAL B 67 -14.55 15.61 -9.73
C VAL B 67 -13.93 14.84 -10.88
N PHE B 68 -13.85 13.53 -10.74
CA PHE B 68 -13.14 12.75 -11.74
C PHE B 68 -13.88 11.45 -11.92
N ALA B 69 -14.31 11.18 -13.15
CA ALA B 69 -14.99 9.94 -13.47
C ALA B 69 -14.44 9.41 -14.79
N ASP B 70 -14.50 8.09 -14.91
CA ASP B 70 -14.08 7.34 -16.08
C ASP B 70 -15.10 6.24 -16.29
N ASP B 71 -15.06 5.60 -17.47
CA ASP B 71 -15.88 4.41 -17.75
C ASP B 71 -14.92 3.25 -18.01
N THR B 72 -14.16 2.85 -16.97
CA THR B 72 -13.22 1.73 -17.06
C THR B 72 -13.21 0.94 -15.76
N ASP B 73 -12.58 -0.25 -15.79
CA ASP B 73 -12.33 -1.06 -14.60
C ASP B 73 -10.90 -0.94 -14.08
N GLN B 74 -10.13 0.05 -14.56
CA GLN B 74 -8.77 0.28 -14.08
C GLN B 74 -8.77 0.73 -12.63
N GLU B 75 -8.80 -0.25 -11.72
CA GLU B 75 -8.76 0.01 -10.29
C GLU B 75 -7.53 0.82 -9.89
N ALA B 76 -6.49 0.86 -10.72
CA ALA B 76 -5.33 1.66 -10.35
C ALA B 76 -5.55 3.14 -10.58
N ILE B 77 -6.63 3.53 -11.24
CA ILE B 77 -6.86 4.96 -11.39
C ILE B 77 -7.08 5.58 -10.01
N ALA B 78 -7.86 4.88 -9.18
CA ALA B 78 -8.05 5.27 -7.80
C ALA B 78 -6.71 5.56 -7.11
N GLN B 79 -5.74 4.65 -7.29
CA GLN B 79 -4.45 4.82 -6.66
C GLN B 79 -3.69 6.04 -7.21
N ILE B 80 -3.73 6.26 -8.52
CA ILE B 80 -3.00 7.41 -9.05
C ILE B 80 -3.62 8.69 -8.54
N LEU B 81 -4.94 8.69 -8.32
CA LEU B 81 -5.60 9.91 -7.90
C LEU B 81 -5.33 10.22 -6.42
N ASP B 82 -5.30 9.19 -5.57
CA ASP B 82 -4.88 9.39 -4.18
C ASP B 82 -3.50 10.00 -4.14
N PHE B 83 -2.58 9.45 -4.93
CA PHE B 83 -1.24 10.03 -5.03
C PHE B 83 -1.32 11.51 -5.35
N ILE B 84 -1.95 11.85 -6.47
CA ILE B 84 -1.97 13.25 -6.90
C ILE B 84 -2.59 14.14 -5.83
N SER B 85 -3.60 13.65 -5.11
CA SER B 85 -4.29 14.48 -4.14
C SER B 85 -3.40 14.80 -2.94
N ALA B 86 -2.94 13.77 -2.25
CA ALA B 86 -2.04 13.96 -1.13
C ALA B 86 -0.89 14.88 -1.48
N GLN B 87 -0.36 14.74 -2.68
CA GLN B 87 0.84 15.49 -3.06
C GLN B 87 0.55 16.94 -3.34
N THR B 88 -0.66 17.29 -3.70
CA THR B 88 -0.99 18.68 -3.98
C THR B 88 -1.99 19.26 -2.98
N LEU B 89 -2.41 18.47 -2.00
CA LEU B 89 -3.42 18.88 -1.03
C LEU B 89 -4.57 19.59 -1.72
N THR B 90 -5.13 18.90 -2.73
CA THR B 90 -6.29 19.32 -3.49
C THR B 90 -7.31 18.21 -3.40
N PRO B 91 -8.57 18.51 -3.09
CA PRO B 91 -9.62 17.49 -3.00
C PRO B 91 -9.99 16.89 -4.36
N ILE B 92 -9.86 15.59 -4.48
CA ILE B 92 -10.23 14.87 -5.70
C ILE B 92 -11.34 13.88 -5.37
N LEU B 93 -12.39 13.91 -6.18
CA LEU B 93 -13.55 13.05 -5.99
C LEU B 93 -13.66 12.07 -7.15
N GLY B 94 -13.85 10.80 -6.84
CA GLY B 94 -13.87 9.77 -7.86
C GLY B 94 -15.26 9.20 -7.99
N ILE B 95 -15.94 9.59 -9.06
CA ILE B 95 -17.39 9.40 -9.17
C ILE B 95 -17.74 8.02 -9.70
N HIS B 96 -16.97 7.52 -10.67
CA HIS B 96 -17.44 6.41 -11.48
C HIS B 96 -16.23 5.69 -12.02
N GLY B 97 -16.38 4.38 -12.20
CA GLY B 97 -15.37 3.61 -12.87
C GLY B 97 -14.28 3.13 -11.94
N GLY B 98 -13.09 2.93 -12.49
CA GLY B 98 -11.96 2.54 -11.65
C GLY B 98 -11.57 3.63 -10.68
N SER B 99 -11.89 4.89 -11.02
CA SER B 99 -11.66 6.01 -10.13
C SER B 99 -12.55 5.97 -8.91
N SER B 100 -13.33 4.92 -8.71
CA SER B 100 -14.22 4.84 -7.58
C SER B 100 -14.29 3.44 -7.02
N MET B 101 -13.40 2.55 -7.42
CA MET B 101 -13.26 1.27 -6.77
C MET B 101 -12.47 1.49 -5.48
N ILE B 102 -13.04 1.05 -4.36
CA ILE B 102 -12.59 1.41 -3.03
C ILE B 102 -11.10 1.14 -2.88
N MET B 103 -10.33 2.17 -2.59
CA MET B 103 -8.91 2.03 -2.28
C MET B 103 -8.75 1.94 -0.78
N ALA B 104 -8.35 0.76 -0.29
CA ALA B 104 -8.55 0.41 1.11
C ALA B 104 -7.85 1.38 2.07
N ASP B 105 -6.53 1.50 1.96
CA ASP B 105 -5.79 2.48 2.75
C ASP B 105 -5.30 3.58 1.84
N LYS B 106 -5.65 4.82 2.18
CA LYS B 106 -5.20 6.01 1.47
C LYS B 106 -4.08 6.68 2.26
N ASP B 107 -3.36 7.58 1.60
CA ASP B 107 -2.32 8.35 2.25
C ASP B 107 -2.91 9.22 3.35
N GLU B 108 -2.13 9.39 4.41
CA GLU B 108 -2.58 10.21 5.54
C GLU B 108 -3.05 11.58 5.06
N SER B 109 -2.23 12.23 4.27
CA SER B 109 -2.46 13.61 3.92
C SER B 109 -3.48 13.78 2.80
N SER B 110 -4.04 12.69 2.31
CA SER B 110 -4.81 12.74 1.07
C SER B 110 -6.14 13.44 1.25
N MET B 111 -6.60 14.08 0.17
CA MET B 111 -7.92 14.70 0.10
C MET B 111 -8.79 14.07 -0.98
N PHE B 112 -8.73 12.75 -1.12
CA PHE B 112 -9.37 12.00 -2.19
C PHE B 112 -10.45 11.10 -1.62
N PHE B 113 -11.70 11.33 -2.03
CA PHE B 113 -12.88 10.57 -1.59
C PHE B 113 -13.61 9.94 -2.79
N GLN B 114 -14.12 8.73 -2.61
CA GLN B 114 -14.73 7.95 -3.71
C GLN B 114 -16.18 7.60 -3.42
N PHE B 115 -17.00 7.61 -4.48
CA PHE B 115 -18.41 7.23 -4.39
C PHE B 115 -18.53 5.71 -4.30
N GLY B 116 -18.85 5.18 -3.12
CA GLY B 116 -19.05 3.76 -2.99
C GLY B 116 -18.69 3.22 -1.63
N PRO B 117 -19.11 2.00 -1.34
CA PRO B 117 -19.04 1.49 0.03
C PRO B 117 -17.66 1.06 0.47
N SER B 118 -17.45 1.12 1.78
CA SER B 118 -16.31 0.45 2.38
C SER B 118 -16.35 -1.04 2.05
N ILE B 119 -15.18 -1.63 1.84
CA ILE B 119 -15.09 -3.09 1.80
C ILE B 119 -15.83 -3.69 2.98
N GLU B 120 -15.76 -3.05 4.13
CA GLU B 120 -16.47 -3.58 5.29
C GLU B 120 -17.98 -3.49 5.09
N GLN B 121 -18.46 -2.40 4.48
CA GLN B 121 -19.88 -2.32 4.17
C GLN B 121 -20.28 -3.50 3.31
N GLN B 122 -19.65 -3.64 2.15
CA GLN B 122 -19.96 -4.73 1.23
C GLN B 122 -19.95 -6.07 1.96
N ALA B 123 -18.84 -6.41 2.60
CA ALA B 123 -18.80 -7.68 3.31
C ALA B 123 -19.99 -7.82 4.25
N SER B 124 -20.42 -6.72 4.87
CA SER B 124 -21.56 -6.81 5.76
C SER B 124 -22.82 -7.04 4.95
N VAL B 125 -22.93 -6.41 3.78
CA VAL B 125 -23.98 -6.77 2.85
C VAL B 125 -23.89 -8.26 2.55
N MET B 126 -22.74 -8.70 2.07
CA MET B 126 -22.64 -10.09 1.63
C MET B 126 -23.04 -11.06 2.72
N LEU B 127 -22.80 -10.72 3.97
CA LEU B 127 -23.21 -11.63 5.02
C LEU B 127 -24.68 -11.49 5.34
N ASN B 128 -25.26 -10.31 5.12
CA ASN B 128 -26.70 -10.15 5.21
C ASN B 128 -27.41 -10.96 4.14
N ILE B 129 -26.73 -11.28 3.04
CA ILE B 129 -27.34 -12.01 1.94
C ILE B 129 -27.42 -13.49 2.26
N MET B 130 -26.34 -14.06 2.79
CA MET B 130 -26.42 -15.40 3.34
C MET B 130 -27.22 -15.43 4.64
N GLU B 131 -27.38 -14.28 5.31
CA GLU B 131 -28.23 -14.27 6.50
C GLU B 131 -29.66 -14.57 6.15
N GLU B 132 -30.06 -14.29 4.90
CA GLU B 132 -31.44 -14.50 4.48
C GLU B 132 -31.67 -15.97 4.19
N TYR B 133 -31.07 -16.46 3.11
CA TYR B 133 -31.20 -17.85 2.64
C TYR B 133 -30.37 -18.84 3.47
N ASP B 134 -29.97 -18.46 4.69
CA ASP B 134 -29.19 -19.31 5.61
C ASP B 134 -28.00 -19.99 4.92
N TRP B 135 -27.21 -19.18 4.19
CA TRP B 135 -26.00 -19.69 3.52
C TRP B 135 -24.79 -19.66 4.47
N TYR B 136 -24.94 -20.40 5.57
CA TYR B 136 -24.06 -20.34 6.73
C TYR B 136 -22.77 -21.17 6.61
N ILE B 137 -22.55 -21.93 5.53
CA ILE B 137 -21.34 -22.73 5.36
C ILE B 137 -20.61 -22.24 4.11
N PHE B 138 -19.42 -21.65 4.27
CA PHE B 138 -18.83 -20.87 3.19
C PHE B 138 -17.32 -20.84 3.32
N SER B 139 -16.68 -20.08 2.42
CA SER B 139 -15.22 -20.02 2.35
C SER B 139 -14.82 -18.70 1.74
N ILE B 140 -13.84 -18.05 2.35
CA ILE B 140 -13.32 -16.79 1.84
C ILE B 140 -12.12 -17.10 0.96
N VAL B 141 -12.08 -16.44 -0.19
CA VAL B 141 -10.93 -16.45 -1.08
C VAL B 141 -10.50 -15.00 -1.22
N THR B 142 -9.19 -14.77 -1.30
CA THR B 142 -8.69 -13.44 -1.61
C THR B 142 -7.52 -13.57 -2.56
N THR B 143 -7.11 -12.43 -3.10
CA THR B 143 -5.74 -12.26 -3.49
C THR B 143 -5.11 -11.27 -2.52
N TYR B 144 -3.99 -10.68 -2.92
CA TYR B 144 -3.34 -9.69 -2.08
C TYR B 144 -3.73 -8.27 -2.44
N PHE B 145 -4.85 -8.06 -3.14
CA PHE B 145 -5.27 -6.70 -3.42
C PHE B 145 -5.59 -5.97 -2.11
N PRO B 146 -5.26 -4.69 -2.02
CA PRO B 146 -5.61 -3.88 -0.87
C PRO B 146 -7.02 -4.10 -0.33
N GLY B 147 -7.09 -4.66 0.87
CA GLY B 147 -8.37 -4.88 1.51
C GLY B 147 -8.66 -6.33 1.84
N TYR B 148 -7.86 -7.27 1.31
CA TYR B 148 -8.01 -8.66 1.66
C TYR B 148 -8.05 -8.86 3.18
N GLN B 149 -7.07 -8.30 3.90
CA GLN B 149 -7.09 -8.44 5.36
C GLN B 149 -8.35 -7.83 5.94
N ASP B 150 -8.65 -6.57 5.57
CA ASP B 150 -9.85 -5.92 6.09
C ASP B 150 -11.08 -6.75 5.77
N PHE B 151 -11.16 -7.25 4.54
CA PHE B 151 -12.31 -8.06 4.15
C PHE B 151 -12.44 -9.30 5.02
N VAL B 152 -11.42 -10.16 4.98
CA VAL B 152 -11.44 -11.43 5.69
C VAL B 152 -11.69 -11.23 7.18
N ASN B 153 -11.07 -10.18 7.76
CA ASN B 153 -11.26 -9.97 9.18
C ASN B 153 -12.68 -9.51 9.47
N LYS B 154 -13.24 -8.70 8.57
CA LYS B 154 -14.60 -8.21 8.76
C LYS B 154 -15.60 -9.35 8.83
N ILE B 155 -15.45 -10.34 7.96
CA ILE B 155 -16.36 -11.47 8.03
C ILE B 155 -16.05 -12.31 9.25
N ARG B 156 -14.77 -12.66 9.43
CA ARG B 156 -14.33 -13.39 10.61
C ARG B 156 -14.87 -12.76 11.89
N SER B 157 -15.01 -11.43 11.88
CA SER B 157 -15.39 -10.72 13.10
C SER B 157 -16.87 -10.90 13.40
N THR B 158 -17.72 -10.64 12.40
CA THR B 158 -19.16 -10.87 12.49
C THR B 158 -19.49 -12.29 12.96
N ILE B 159 -18.67 -13.27 12.56
CA ILE B 159 -18.94 -14.66 12.86
C ILE B 159 -18.71 -14.96 14.33
N GLU B 160 -17.49 -14.67 14.82
CA GLU B 160 -17.00 -15.27 16.06
C GLU B 160 -18.00 -15.15 17.19
N ASN B 161 -18.73 -14.04 17.23
CA ASN B 161 -19.65 -13.77 18.32
C ASN B 161 -21.12 -13.93 17.92
N SER B 162 -21.43 -14.87 17.03
CA SER B 162 -22.82 -15.12 16.67
C SER B 162 -23.25 -16.48 17.23
N PHE B 163 -24.45 -16.51 17.79
CA PHE B 163 -25.07 -17.80 18.08
C PHE B 163 -25.38 -18.55 16.79
N VAL B 164 -25.62 -17.82 15.69
CA VAL B 164 -25.97 -18.45 14.42
C VAL B 164 -24.84 -19.37 13.98
N GLY B 165 -25.21 -20.40 13.25
CA GLY B 165 -24.22 -21.39 12.88
C GLY B 165 -23.48 -21.03 11.62
N TRP B 166 -22.79 -19.90 11.62
CA TRP B 166 -21.82 -19.71 10.55
C TRP B 166 -20.75 -20.79 10.69
N GLU B 167 -20.28 -21.29 9.54
CA GLU B 167 -19.15 -22.21 9.49
C GLU B 167 -18.26 -21.79 8.33
N LEU B 168 -17.05 -21.36 8.65
CA LEU B 168 -16.09 -20.85 7.68
C LEU B 168 -15.06 -21.94 7.40
N GLU B 169 -15.08 -22.47 6.17
CA GLU B 169 -14.34 -23.69 5.90
C GLU B 169 -12.88 -23.41 5.52
N GLU B 170 -12.63 -22.35 4.74
CA GLU B 170 -11.26 -22.04 4.32
C GLU B 170 -11.09 -20.59 3.87
N VAL B 171 -10.03 -19.95 4.37
CA VAL B 171 -9.57 -18.66 3.85
C VAL B 171 -8.41 -18.94 2.91
N LEU B 172 -8.61 -18.71 1.61
CA LEU B 172 -7.57 -18.91 0.62
C LEU B 172 -7.02 -17.55 0.22
N LEU B 173 -5.70 -17.41 0.33
CA LEU B 173 -5.00 -16.19 -0.05
C LEU B 173 -4.10 -16.52 -1.23
N LEU B 174 -4.43 -15.97 -2.37
CA LEU B 174 -3.75 -16.29 -3.61
C LEU B 174 -2.77 -15.19 -3.94
N ASP B 175 -1.53 -15.57 -4.22
CA ASP B 175 -0.51 -14.63 -4.64
C ASP B 175 -0.50 -14.55 -6.15
N MET B 176 -0.67 -13.34 -6.68
CA MET B 176 -0.75 -13.11 -8.11
C MET B 176 0.43 -12.32 -8.64
N SER B 177 1.42 -12.04 -7.79
CA SER B 177 2.60 -11.29 -8.19
C SER B 177 3.70 -12.18 -8.74
N LEU B 178 3.47 -13.49 -8.86
CA LEU B 178 4.47 -14.45 -9.31
C LEU B 178 4.20 -14.85 -10.78
N ASP B 179 4.91 -15.88 -11.24
CA ASP B 179 4.84 -16.29 -12.64
C ASP B 179 3.56 -17.04 -12.98
N ASP B 180 2.91 -17.65 -11.99
CA ASP B 180 1.82 -18.61 -12.17
C ASP B 180 2.26 -19.87 -12.92
N GLY B 181 3.57 -20.01 -13.21
CA GLY B 181 4.02 -21.09 -14.09
C GLY B 181 3.86 -22.46 -13.47
N ASP B 182 4.00 -22.54 -12.15
CA ASP B 182 3.50 -23.66 -11.36
C ASP B 182 2.04 -23.41 -11.05
N SER B 183 1.19 -24.40 -11.32
CA SER B 183 -0.25 -24.26 -11.09
C SER B 183 -0.56 -24.41 -9.61
N LYS B 184 0.19 -23.68 -8.78
CA LYS B 184 -0.08 -23.62 -7.36
C LYS B 184 -1.46 -23.05 -7.09
N ILE B 185 -1.82 -21.98 -7.79
CA ILE B 185 -3.17 -21.45 -7.67
C ILE B 185 -4.17 -22.56 -7.94
N GLN B 186 -4.02 -23.24 -9.08
CA GLN B 186 -4.81 -24.44 -9.33
C GLN B 186 -4.72 -25.39 -8.16
N ASN B 187 -3.50 -25.69 -7.70
CA ASN B 187 -3.36 -26.59 -6.56
C ASN B 187 -4.03 -26.03 -5.31
N GLN B 188 -4.03 -24.70 -5.16
CA GLN B 188 -4.56 -24.08 -3.94
C GLN B 188 -6.07 -24.17 -3.86
N LEU B 189 -6.76 -23.92 -4.99
CA LEU B 189 -8.20 -23.99 -5.04
C LEU B 189 -8.73 -25.41 -4.88
N LYS B 190 -7.88 -26.42 -5.07
CA LYS B 190 -8.28 -27.80 -4.79
C LYS B 190 -8.81 -27.92 -3.38
N LYS B 191 -8.24 -27.17 -2.45
CA LYS B 191 -8.73 -27.17 -1.07
C LYS B 191 -10.20 -26.80 -1.00
N LEU B 192 -10.64 -25.93 -1.91
CA LEU B 192 -11.99 -25.36 -1.83
C LEU B 192 -13.06 -26.41 -2.14
N GLN B 193 -14.11 -26.44 -1.31
CA GLN B 193 -15.26 -27.32 -1.49
C GLN B 193 -16.42 -26.82 -0.66
N SER B 194 -17.06 -25.75 -1.11
CA SER B 194 -18.10 -25.17 -0.28
C SER B 194 -19.15 -24.55 -1.17
N PRO B 195 -20.41 -24.52 -0.73
CA PRO B 195 -21.47 -23.91 -1.54
C PRO B 195 -21.20 -22.43 -1.81
N ILE B 196 -20.99 -21.64 -0.77
CA ILE B 196 -20.67 -20.22 -0.89
C ILE B 196 -19.17 -20.03 -0.78
N ILE B 197 -18.58 -19.44 -1.81
CA ILE B 197 -17.17 -19.06 -1.80
C ILE B 197 -17.14 -17.56 -2.09
N LEU B 198 -16.55 -16.80 -1.19
CA LEU B 198 -16.44 -15.36 -1.37
C LEU B 198 -15.07 -15.06 -1.94
N LEU B 199 -15.04 -14.19 -2.96
CA LEU B 199 -13.83 -13.84 -3.70
C LEU B 199 -13.59 -12.34 -3.63
N TYR B 200 -12.49 -11.95 -3.00
CA TYR B 200 -12.03 -10.56 -3.01
C TYR B 200 -10.80 -10.46 -3.90
N CYS B 201 -10.89 -9.66 -4.96
CA CYS B 201 -9.81 -9.45 -5.93
C CYS B 201 -10.32 -8.51 -7.02
N THR B 202 -9.40 -8.00 -7.83
CA THR B 202 -9.75 -7.08 -8.91
C THR B 202 -10.57 -7.79 -9.99
N LYS B 203 -11.17 -7.01 -10.89
CA LYS B 203 -11.91 -7.61 -11.99
C LYS B 203 -10.98 -8.31 -12.96
N GLU B 204 -9.83 -7.70 -13.27
CA GLU B 204 -8.82 -8.40 -14.05
C GLU B 204 -8.29 -9.61 -13.30
N GLU B 205 -8.14 -9.49 -11.97
CA GLU B 205 -7.72 -10.64 -11.17
C GLU B 205 -8.84 -11.70 -11.11
N ALA B 206 -10.10 -11.26 -11.15
CA ALA B 206 -11.20 -12.21 -11.01
C ALA B 206 -11.18 -13.23 -12.14
N THR B 207 -11.06 -12.75 -13.38
CA THR B 207 -11.26 -13.61 -14.54
C THR B 207 -10.31 -14.80 -14.57
N TYR B 208 -9.08 -14.65 -14.07
CA TYR B 208 -8.17 -15.79 -14.04
C TYR B 208 -8.54 -16.78 -12.94
N ILE B 209 -9.06 -16.29 -11.82
CA ILE B 209 -9.47 -17.21 -10.76
C ILE B 209 -10.62 -18.08 -11.21
N PHE B 210 -11.40 -17.62 -12.18
CA PHE B 210 -12.53 -18.39 -12.69
C PHE B 210 -12.06 -19.45 -13.69
N GLU B 211 -11.29 -19.04 -14.71
CA GLU B 211 -10.80 -20.00 -15.71
C GLU B 211 -10.14 -21.20 -15.04
N VAL B 212 -9.48 -20.99 -13.91
CA VAL B 212 -8.95 -22.10 -13.14
C VAL B 212 -10.05 -22.76 -12.31
N ALA B 213 -11.03 -21.99 -11.85
CA ALA B 213 -12.14 -22.59 -11.12
C ALA B 213 -13.03 -23.40 -12.06
N ASN B 214 -13.35 -22.84 -13.23
CA ASN B 214 -14.03 -23.62 -14.26
C ASN B 214 -13.23 -24.88 -14.55
N SER B 215 -11.91 -24.74 -14.61
CA SER B 215 -11.02 -25.88 -14.84
C SER B 215 -11.24 -26.97 -13.79
N VAL B 216 -11.24 -26.60 -12.50
CA VAL B 216 -11.30 -27.58 -11.41
C VAL B 216 -12.74 -27.99 -11.12
N GLY B 217 -13.68 -27.60 -11.98
CA GLY B 217 -15.05 -27.98 -11.74
C GLY B 217 -15.68 -27.29 -10.55
N LEU B 218 -15.02 -26.27 -10.00
CA LEU B 218 -15.62 -25.47 -8.95
C LEU B 218 -16.60 -24.45 -9.51
N THR B 219 -16.35 -23.92 -10.71
CA THR B 219 -17.35 -23.08 -11.37
C THR B 219 -18.51 -23.87 -11.94
N GLY B 220 -18.52 -25.19 -11.77
CA GLY B 220 -19.71 -25.95 -12.06
C GLY B 220 -20.85 -25.59 -11.12
N TYR B 221 -22.06 -25.98 -11.50
CA TYR B 221 -23.21 -25.75 -10.65
C TYR B 221 -23.11 -26.57 -9.37
N GLY B 222 -23.82 -26.11 -8.35
CA GLY B 222 -23.67 -26.64 -7.01
C GLY B 222 -22.79 -25.81 -6.12
N TYR B 223 -22.06 -24.86 -6.69
CA TYR B 223 -21.18 -23.95 -5.97
C TYR B 223 -21.60 -22.51 -6.30
N THR B 224 -21.57 -21.63 -5.30
CA THR B 224 -22.00 -20.25 -5.46
C THR B 224 -20.90 -19.27 -5.07
N TRP B 225 -20.61 -18.32 -5.98
CA TRP B 225 -19.49 -17.37 -5.88
C TRP B 225 -20.05 -15.96 -5.74
N ILE B 226 -19.85 -15.35 -4.58
CA ILE B 226 -20.24 -13.96 -4.36
C ILE B 226 -19.02 -13.07 -4.46
N VAL B 227 -19.19 -11.88 -5.02
CA VAL B 227 -18.06 -10.96 -5.28
C VAL B 227 -18.50 -9.52 -4.99
N PRO B 228 -17.52 -8.64 -4.75
CA PRO B 228 -17.85 -7.23 -4.46
C PRO B 228 -17.93 -6.38 -5.71
N SER B 229 -18.17 -5.06 -5.57
CA SER B 229 -18.49 -4.23 -6.73
C SER B 229 -17.43 -4.32 -7.81
N LEU B 230 -16.21 -3.89 -7.49
CA LEU B 230 -15.02 -3.96 -8.34
C LEU B 230 -14.96 -5.16 -9.26
N VAL B 231 -15.25 -6.36 -8.74
CA VAL B 231 -15.27 -7.56 -9.59
C VAL B 231 -16.29 -7.38 -10.71
N ALA B 232 -17.56 -7.20 -10.34
CA ALA B 232 -18.56 -6.86 -11.33
C ALA B 232 -18.06 -5.69 -12.17
N GLY B 233 -17.80 -4.57 -11.53
CA GLY B 233 -17.19 -3.45 -12.21
C GLY B 233 -18.15 -2.74 -13.13
N ASP B 234 -17.85 -2.80 -14.43
CA ASP B 234 -18.79 -2.35 -15.45
C ASP B 234 -19.83 -3.45 -15.63
N THR B 235 -21.06 -3.17 -15.22
CA THR B 235 -22.12 -4.16 -15.36
C THR B 235 -22.38 -4.50 -16.82
N ASP B 236 -21.93 -3.65 -17.76
CA ASP B 236 -22.11 -3.96 -19.18
C ASP B 236 -21.20 -5.10 -19.61
N THR B 237 -19.92 -5.02 -19.26
CA THR B 237 -18.93 -6.03 -19.66
C THR B 237 -19.06 -7.28 -18.77
N VAL B 238 -19.46 -8.40 -19.35
CA VAL B 238 -19.59 -9.67 -18.64
C VAL B 238 -18.66 -10.70 -19.29
N PRO B 239 -17.47 -10.88 -18.73
CA PRO B 239 -16.47 -11.77 -19.35
C PRO B 239 -16.90 -13.22 -19.57
N SER B 240 -16.31 -13.80 -20.62
CA SER B 240 -16.38 -15.24 -20.84
C SER B 240 -15.96 -16.01 -19.60
N GLU B 241 -14.81 -15.66 -19.04
CA GLU B 241 -14.29 -16.40 -17.90
C GLU B 241 -15.21 -16.29 -16.69
N PHE B 242 -16.04 -15.24 -16.63
CA PHE B 242 -16.97 -15.09 -15.51
C PHE B 242 -17.97 -16.23 -15.52
N PRO B 243 -18.29 -16.80 -14.36
CA PRO B 243 -19.32 -17.83 -14.29
C PRO B 243 -20.71 -17.22 -14.36
N THR B 244 -21.65 -17.98 -14.90
CA THR B 244 -23.05 -17.58 -14.84
C THR B 244 -23.55 -17.74 -13.42
N GLY B 245 -24.04 -16.64 -12.83
CA GLY B 245 -24.54 -16.61 -11.46
C GLY B 245 -23.63 -15.97 -10.41
N LEU B 246 -22.63 -15.17 -10.81
CA LEU B 246 -21.64 -14.59 -9.89
C LEU B 246 -22.30 -13.42 -9.17
N ILE B 247 -23.04 -13.75 -8.09
CA ILE B 247 -23.70 -12.74 -7.27
C ILE B 247 -22.72 -11.68 -6.79
N SER B 248 -23.19 -10.44 -6.74
CA SER B 248 -22.29 -9.34 -6.48
C SER B 248 -23.06 -8.17 -5.90
N VAL B 249 -22.35 -7.34 -5.19
CA VAL B 249 -22.85 -6.02 -4.85
C VAL B 249 -22.38 -5.08 -5.94
N SER B 250 -23.14 -4.03 -6.19
CA SER B 250 -22.63 -3.04 -7.13
C SER B 250 -23.28 -1.71 -6.82
N TYR B 251 -22.61 -0.65 -7.25
CA TYR B 251 -23.09 0.70 -7.01
C TYR B 251 -24.24 0.99 -7.97
N ASP B 252 -25.42 1.26 -7.41
CA ASP B 252 -26.69 1.22 -8.14
C ASP B 252 -26.83 2.40 -9.08
N GLU B 253 -26.10 2.32 -10.20
CA GLU B 253 -26.25 3.33 -11.24
C GLU B 253 -27.64 3.30 -11.85
N TRP B 254 -28.41 2.24 -11.60
CA TRP B 254 -29.77 2.12 -12.12
C TRP B 254 -30.61 3.37 -11.88
N ASP B 255 -30.70 3.81 -10.62
CA ASP B 255 -31.36 5.08 -10.31
C ASP B 255 -30.39 6.25 -10.20
N TYR B 256 -29.09 5.98 -10.16
CA TYR B 256 -28.07 7.02 -9.89
C TYR B 256 -27.27 7.31 -11.16
N GLY B 257 -27.66 8.35 -11.89
CA GLY B 257 -27.04 8.61 -13.17
C GLY B 257 -25.62 9.12 -13.06
N LEU B 258 -24.85 8.95 -14.14
CA LEU B 258 -23.55 9.61 -14.19
C LEU B 258 -23.70 11.11 -14.01
N PRO B 259 -24.39 11.84 -14.88
CA PRO B 259 -24.54 13.28 -14.61
C PRO B 259 -25.13 13.55 -13.24
N ALA B 260 -25.93 12.64 -12.72
CA ALA B 260 -26.47 12.81 -11.37
C ALA B 260 -25.36 12.84 -10.34
N ARG B 261 -24.33 12.00 -10.53
CA ARG B 261 -23.15 12.03 -9.67
C ARG B 261 -22.43 13.36 -9.79
N VAL B 262 -21.91 13.66 -11.00
CA VAL B 262 -21.12 14.87 -11.22
C VAL B 262 -21.77 16.10 -10.59
N ARG B 263 -23.10 16.16 -10.55
CA ARG B 263 -23.75 17.23 -9.80
C ARG B 263 -23.34 17.14 -8.34
N ASP B 264 -23.50 15.96 -7.75
CA ASP B 264 -23.19 15.78 -6.34
C ASP B 264 -21.70 15.98 -6.08
N GLY B 265 -20.85 15.61 -7.03
CA GLY B 265 -19.47 15.98 -6.91
C GLY B 265 -19.37 17.48 -6.71
N ILE B 266 -19.94 18.24 -7.65
CA ILE B 266 -19.84 19.69 -7.57
C ILE B 266 -20.36 20.19 -6.24
N ALA B 267 -21.42 19.56 -5.74
CA ALA B 267 -22.06 19.99 -4.51
C ALA B 267 -21.09 19.92 -3.34
N ILE B 268 -20.76 18.69 -2.91
CA ILE B 268 -19.79 18.38 -1.87
C ILE B 268 -18.66 19.39 -1.83
N ILE B 269 -17.92 19.51 -2.93
CA ILE B 269 -16.78 20.41 -2.93
C ILE B 269 -17.24 21.82 -2.64
N THR B 270 -18.39 22.20 -3.18
CA THR B 270 -18.78 23.60 -3.03
C THR B 270 -19.42 23.85 -1.68
N THR B 271 -20.28 22.96 -1.23
CA THR B 271 -20.76 23.05 0.14
C THR B 271 -19.59 23.09 1.11
N ALA B 272 -18.62 22.20 0.93
CA ALA B 272 -17.44 22.23 1.77
C ALA B 272 -16.86 23.64 1.81
N ALA B 273 -16.48 24.18 0.66
CA ALA B 273 -15.96 25.55 0.62
C ALA B 273 -16.91 26.51 1.29
N SER B 274 -18.21 26.32 1.06
CA SER B 274 -19.21 27.29 1.52
C SER B 274 -19.30 27.31 3.04
N ASP B 275 -19.42 26.13 3.66
CA ASP B 275 -19.38 26.06 5.11
C ASP B 275 -18.12 26.77 5.64
N MET B 276 -16.96 26.38 5.10
CA MET B 276 -15.68 26.90 5.58
C MET B 276 -15.67 28.43 5.61
N LEU B 277 -16.05 29.05 4.50
CA LEU B 277 -16.16 30.51 4.47
C LEU B 277 -17.09 31.01 5.57
N SER B 278 -18.26 30.37 5.75
CA SER B 278 -19.24 30.86 6.71
C SER B 278 -18.59 31.11 8.07
N GLU B 279 -17.81 30.15 8.55
CA GLU B 279 -17.29 30.17 9.90
C GLU B 279 -15.90 30.79 9.99
N HIS B 280 -14.98 30.32 9.15
CA HIS B 280 -13.60 30.79 9.21
C HIS B 280 -13.36 32.05 8.40
N SER B 281 -14.26 32.37 7.45
CA SER B 281 -14.21 33.64 6.73
C SER B 281 -12.96 33.72 5.84
N PHE B 282 -12.74 32.63 5.08
CA PHE B 282 -11.63 32.45 4.13
C PHE B 282 -11.63 31.02 3.58
N ILE B 283 -11.08 30.86 2.39
CA ILE B 283 -11.10 29.64 1.58
C ILE B 283 -9.70 29.43 1.04
N PRO B 284 -9.23 28.18 0.94
CA PRO B 284 -7.91 27.93 0.33
C PRO B 284 -7.64 28.74 -0.93
N GLU B 285 -6.50 29.43 -0.99
CA GLU B 285 -6.14 30.08 -2.24
C GLU B 285 -5.91 29.00 -3.30
N PRO B 286 -6.34 29.23 -4.54
CA PRO B 286 -6.25 28.17 -5.55
C PRO B 286 -4.82 27.65 -5.67
N LYS B 287 -4.71 26.35 -5.91
CA LYS B 287 -3.42 25.67 -6.06
C LYS B 287 -2.45 26.51 -6.87
N SER B 288 -1.29 26.81 -6.29
CA SER B 288 -0.31 27.61 -6.99
C SER B 288 0.27 26.85 -8.18
N SER B 289 0.79 25.65 -7.92
CA SER B 289 1.46 24.84 -8.93
C SER B 289 1.48 23.41 -8.44
N CYS B 290 1.51 22.49 -9.41
CA CYS B 290 1.71 21.09 -9.06
C CYS B 290 3.05 20.89 -8.37
N TYR B 291 4.06 21.65 -8.78
CA TYR B 291 5.38 21.51 -8.17
C TYR B 291 5.55 22.37 -6.91
N ASN B 292 4.68 23.36 -6.71
CA ASN B 292 4.71 24.21 -5.52
C ASN B 292 3.99 23.49 -4.39
N THR B 293 4.78 22.85 -3.53
CA THR B 293 4.28 22.09 -2.40
C THR B 293 4.81 22.69 -1.10
N HIS B 294 3.91 23.09 -0.23
CA HIS B 294 4.28 23.61 1.06
C HIS B 294 3.56 22.85 2.18
N GLU B 295 4.04 23.06 3.40
CA GLU B 295 3.20 22.93 4.59
C GLU B 295 2.51 24.23 4.92
N LYS B 296 2.75 25.27 4.10
CA LYS B 296 1.92 26.47 4.13
C LYS B 296 0.48 26.13 3.79
N ARG B 297 0.25 24.97 3.17
CA ARG B 297 -1.09 24.51 2.88
C ARG B 297 -1.48 23.26 3.69
N ILE B 298 -0.66 22.84 4.66
CA ILE B 298 -0.97 21.64 5.44
C ILE B 298 -2.24 21.85 6.24
N TYR B 299 -2.42 23.03 6.81
CA TYR B 299 -3.40 23.24 7.85
C TYR B 299 -4.74 23.64 7.27
N GLN B 300 -4.72 24.56 6.29
CA GLN B 300 -5.91 24.79 5.48
C GLN B 300 -6.43 23.46 4.91
N SER B 301 -5.54 22.62 4.39
CA SER B 301 -5.99 21.39 3.76
C SER B 301 -6.65 20.48 4.78
N ASN B 302 -6.01 20.31 5.94
CA ASN B 302 -6.58 19.49 7.00
C ASN B 302 -7.97 19.99 7.36
N MET B 303 -8.15 21.30 7.38
CA MET B 303 -9.42 21.89 7.77
C MET B 303 -10.50 21.57 6.77
N LEU B 304 -10.26 21.90 5.49
CA LEU B 304 -11.27 21.73 4.45
C LEU B 304 -11.71 20.29 4.34
N ASN B 305 -10.82 19.35 4.64
CA ASN B 305 -11.19 17.95 4.66
C ASN B 305 -12.29 17.71 5.68
N ARG B 306 -12.28 18.47 6.77
CA ARG B 306 -13.32 18.26 7.76
C ARG B 306 -14.68 18.64 7.21
N TYR B 307 -14.71 19.58 6.27
CA TYR B 307 -15.97 19.94 5.64
C TYR B 307 -16.33 18.97 4.53
N LEU B 308 -15.31 18.53 3.77
CA LEU B 308 -15.55 17.65 2.66
C LEU B 308 -16.27 16.38 3.07
N ILE B 309 -16.17 16.03 4.35
CA ILE B 309 -16.52 14.72 4.85
C ILE B 309 -17.91 14.68 5.49
N ASN B 310 -18.59 15.83 5.61
CA ASN B 310 -19.82 16.01 6.39
C ASN B 310 -20.71 16.93 5.53
N VAL B 311 -21.35 16.38 4.49
CA VAL B 311 -22.02 17.23 3.51
C VAL B 311 -23.44 16.77 3.25
N THR B 312 -24.36 17.74 3.15
CA THR B 312 -25.78 17.54 2.91
C THR B 312 -26.17 18.35 1.69
N PHE B 313 -26.87 17.72 0.75
CA PHE B 313 -27.26 18.54 -0.38
C PHE B 313 -28.78 18.70 -0.41
N GLU B 314 -29.31 19.08 -1.59
CA GLU B 314 -30.75 19.13 -1.79
C GLU B 314 -31.40 17.85 -1.31
N GLY B 315 -30.83 16.72 -1.70
CA GLY B 315 -31.42 15.48 -1.30
C GLY B 315 -30.84 14.93 -0.02
N ARG B 316 -29.98 13.94 -0.18
CA ARG B 316 -29.66 13.11 0.95
C ARG B 316 -28.33 13.51 1.58
N ASP B 317 -27.88 12.67 2.50
CA ASP B 317 -26.64 12.79 3.24
C ASP B 317 -25.51 12.24 2.37
N LEU B 318 -24.60 13.12 1.92
CA LEU B 318 -23.49 12.69 1.07
C LEU B 318 -22.19 12.55 1.86
N SER B 319 -22.27 12.36 3.18
CA SER B 319 -21.06 12.26 3.99
C SER B 319 -20.21 11.08 3.57
N PHE B 320 -18.90 11.26 3.75
CA PHE B 320 -17.86 10.26 3.64
C PHE B 320 -17.30 9.96 5.02
N SER B 321 -16.45 8.95 5.07
CA SER B 321 -15.63 8.71 6.25
C SER B 321 -14.25 9.30 6.03
N GLU B 322 -13.50 9.40 7.13
CA GLU B 322 -12.12 9.85 7.04
C GLU B 322 -11.33 8.97 6.07
N ASP B 323 -11.84 7.76 5.81
CA ASP B 323 -11.14 6.68 5.14
C ASP B 323 -11.20 6.74 3.64
N GLY B 324 -12.10 7.54 3.06
CA GLY B 324 -12.23 7.60 1.62
C GLY B 324 -13.54 7.08 1.08
N TYR B 325 -14.04 5.98 1.64
CA TYR B 325 -15.31 5.43 1.22
C TYR B 325 -16.46 6.39 1.54
N GLN B 326 -17.65 6.00 1.11
CA GLN B 326 -18.88 6.74 1.33
CA GLN B 326 -18.89 6.74 1.32
C GLN B 326 -19.65 6.15 2.49
N MET B 327 -20.37 7.00 3.22
CA MET B 327 -21.06 6.52 4.42
C MET B 327 -22.31 5.75 4.07
N HIS B 328 -23.26 6.40 3.40
CA HIS B 328 -24.52 5.77 2.99
C HIS B 328 -24.60 5.73 1.46
N PRO B 329 -24.04 4.71 0.83
CA PRO B 329 -24.03 4.66 -0.64
C PRO B 329 -25.30 4.02 -1.17
N LYS B 330 -25.39 3.95 -2.50
CA LYS B 330 -26.52 3.36 -3.20
C LYS B 330 -26.18 1.93 -3.63
N LEU B 331 -26.38 0.98 -2.71
CA LEU B 331 -25.97 -0.41 -2.91
C LEU B 331 -27.06 -1.27 -3.53
N VAL B 332 -26.72 -1.97 -4.61
CA VAL B 332 -27.61 -2.87 -5.33
C VAL B 332 -26.90 -4.20 -5.52
N ILE B 333 -27.61 -5.30 -5.20
CA ILE B 333 -27.15 -6.66 -5.48
C ILE B 333 -27.59 -7.04 -6.89
N ILE B 334 -26.78 -7.86 -7.59
CA ILE B 334 -27.00 -8.20 -9.00
C ILE B 334 -26.56 -9.63 -9.28
N LEU B 335 -26.94 -10.15 -10.45
CA LEU B 335 -26.76 -11.55 -10.83
C LEU B 335 -26.51 -11.68 -12.33
N LEU B 336 -25.60 -12.61 -12.68
CA LEU B 336 -25.26 -12.85 -14.08
C LEU B 336 -26.14 -13.98 -14.59
N ASN B 337 -27.13 -13.64 -15.43
CA ASN B 337 -28.15 -14.57 -15.88
C ASN B 337 -27.66 -15.41 -17.06
N LYS B 338 -28.53 -16.30 -17.54
CA LYS B 338 -28.17 -17.18 -18.64
C LYS B 338 -27.70 -16.39 -19.86
N GLU B 339 -28.37 -15.27 -20.15
CA GLU B 339 -28.00 -14.48 -21.32
C GLU B 339 -26.72 -13.65 -21.13
N ARG B 340 -25.88 -13.94 -20.12
CA ARG B 340 -24.78 -13.05 -19.71
C ARG B 340 -25.27 -11.61 -19.54
N LYS B 341 -26.22 -11.43 -18.63
CA LYS B 341 -26.65 -10.09 -18.23
C LYS B 341 -26.76 -9.94 -16.72
N TRP B 342 -26.56 -8.72 -16.24
CA TRP B 342 -26.63 -8.39 -14.82
C TRP B 342 -28.04 -7.93 -14.49
N GLU B 343 -28.70 -8.61 -13.54
CA GLU B 343 -30.10 -8.33 -13.21
C GLU B 343 -30.26 -8.00 -11.74
N ARG B 344 -30.95 -6.90 -11.43
CA ARG B 344 -31.13 -6.49 -10.04
C ARG B 344 -31.94 -7.55 -9.30
N VAL B 345 -31.29 -8.24 -8.35
CA VAL B 345 -31.91 -9.31 -7.57
C VAL B 345 -32.26 -8.86 -6.17
N GLY B 346 -31.78 -7.71 -5.74
CA GLY B 346 -31.84 -7.33 -4.35
C GLY B 346 -31.47 -5.88 -4.18
N LYS B 347 -31.96 -5.30 -3.10
CA LYS B 347 -31.67 -3.92 -2.80
C LYS B 347 -31.40 -3.80 -1.31
N TRP B 348 -30.37 -3.05 -0.98
CA TRP B 348 -29.95 -2.78 0.39
C TRP B 348 -30.61 -1.46 0.75
N LYS B 349 -31.80 -1.49 1.37
CA LYS B 349 -32.32 -0.26 1.98
C LYS B 349 -31.26 0.22 2.98
N ASP B 350 -31.31 1.48 3.50
CA ASP B 350 -30.22 2.01 4.34
C ASP B 350 -29.97 1.18 5.64
N LYS B 351 -30.72 0.03 5.79
CA LYS B 351 -30.78 -0.78 7.00
C LYS B 351 -30.84 -2.23 6.74
N SER B 352 -31.97 -2.70 6.25
CA SER B 352 -32.26 -4.07 5.90
C SER B 352 -32.21 -4.17 4.38
N LEU B 353 -32.22 -5.39 3.87
CA LEU B 353 -32.18 -5.52 2.42
C LEU B 353 -33.45 -6.19 1.95
N GLN B 354 -34.02 -5.68 0.86
CA GLN B 354 -35.15 -6.31 0.19
C GLN B 354 -34.58 -7.09 -0.99
N MET B 355 -34.84 -8.38 -1.01
CA MET B 355 -34.42 -9.27 -2.09
C MET B 355 -35.59 -9.53 -3.02
N LYS B 356 -35.29 -10.07 -4.20
CA LYS B 356 -36.39 -10.37 -5.13
C LYS B 356 -37.00 -11.74 -4.85
N TYR B 357 -36.16 -12.77 -4.77
CA TYR B 357 -36.64 -14.14 -4.74
C TYR B 357 -36.61 -14.67 -3.32
N TYR B 358 -37.76 -15.13 -2.82
CA TYR B 358 -37.77 -15.86 -1.56
C TYR B 358 -36.98 -17.16 -1.71
N VAL B 359 -37.46 -18.07 -2.56
CA VAL B 359 -36.73 -19.29 -2.85
C VAL B 359 -35.69 -18.97 -3.92
N TRP B 360 -34.43 -19.22 -3.61
CA TRP B 360 -33.38 -18.82 -4.53
C TRP B 360 -33.57 -19.59 -5.84
N PRO B 361 -33.35 -18.95 -7.00
CA PRO B 361 -33.67 -19.58 -8.29
C PRO B 361 -33.01 -20.93 -8.52
N ARG B 362 -33.79 -22.01 -8.38
CA ARG B 362 -33.25 -23.36 -8.47
C ARG B 362 -32.99 -23.74 -9.93
#